data_8E40
#
_entry.id   8E40
#
_cell.length_a   1.00
_cell.length_b   1.00
_cell.length_c   1.00
_cell.angle_alpha   90.00
_cell.angle_beta   90.00
_cell.angle_gamma   90.00
#
_symmetry.space_group_name_H-M   'P 1'
#
loop_
_entity.id
_entity.type
_entity.pdbx_description
1 polymer 'DNA dC->dU-editing enzyme APOBEC-3G'
2 polymer 'Virion infectivity factor'
3 polymer 'Core-binding factor subunit beta'
4 polymer RNA
5 polymer RNA
6 non-polymer 'ZINC ION'
#
loop_
_entity_poly.entity_id
_entity_poly.type
_entity_poly.pdbx_seq_one_letter_code
_entity_poly.pdbx_strand_id
1 'polypeptide(L)'
;GPGGSGGMKPQIRNMVEPMDPRTFVSNFNNRPILSGLDTVWLCCEVKTKDPSGPPLDAKIFQGKVYPKAKYHPEMRFLRW
FHKWRQLHHDQEYKVTWYVSWSPCTRCANSVATFLAKDPKVTLTIFVARLYYFWDPDYQQALRILAEAGATMKIMNYNEF
QDCWNKFVDGRGKPFKPWNNLPKHYTLLQATLGELLRHLMDPGTFTSNFNNKPWVSGQHETYLCYKVERLHNDTWVPLNQ
HRGFLRNQAPNIHGFPKGRHAQLCFLDLIPFWKLDGQQYRVTCFTSWSPCFSCAQEMAKFISNNEHVSLCIFAARIYDDQ
GRYQEGLRTLHRDGAKIAMMNYSEFEYCWDTFVDRQGRPFQPWDGLDEHSQALSGRLRAILQNQGN
;
A
2 'polypeptide(L)'
;GPMENRWQVMIVWQVDRMRINTWKRLVKHHMYISRKAKDWFYRHHYESTNPKISSEVHIPLGDAKLVITTYWGLHTGERD
WHLGQGVSIEWRKKRYSTQVDPDLADQLIHLHYFDCFSESAIRNTILGRIVSPRCEYQAGHNKVGSLQYLALAALIKPKQ
IKPPLPSVRKLTEDRWNK
;
B
3 'polypeptide(L)'
;MPRVVPDQRSKFENEEFFRKLSRECEIKYTGFRDRPHEERQARFQNACRDGRSEIAFVATGTNLSLQFFPASWQGEQRQT
PSREYVDLEREAGKVYLKAPMILNGVCVIWKGWIDLQRLDGMGCLEFDEERAQQEDALAQQAFEEARRRTREFEDRD
;
C
4 'polyribonucleotide' UUUUUUUUUUUUUUAAAAAAAA R
5 'polyribonucleotide' UUUUUUUUAAAAAAAAAAAAAAAAA r
#
loop_
_chem_comp.id
_chem_comp.type
_chem_comp.name
_chem_comp.formula
A RNA linking ADENOSINE-5'-MONOPHOSPHATE 'C10 H14 N5 O7 P'
U RNA linking URIDINE-5'-MONOPHOSPHATE 'C9 H13 N2 O9 P'
ZN non-polymer 'ZINC ION' 'Zn 2'
#
# COMPACT_ATOMS: atom_id res chain seq x y z
N VAL A 16 -31.51 3.57 -23.24
CA VAL A 16 -30.68 4.12 -22.17
C VAL A 16 -31.42 5.22 -21.40
N GLU A 17 -31.42 5.11 -20.08
CA GLU A 17 -31.96 6.14 -19.21
C GLU A 17 -30.81 6.89 -18.56
N PRO A 18 -30.62 8.17 -18.87
CA PRO A 18 -29.43 8.87 -18.37
C PRO A 18 -29.64 9.55 -17.04
N MET A 19 -28.76 9.29 -16.08
CA MET A 19 -28.92 9.78 -14.72
C MET A 19 -27.75 10.67 -14.35
N ASP A 20 -28.07 11.76 -13.63
CA ASP A 20 -27.16 12.83 -13.20
C ASP A 20 -26.35 13.46 -14.34
N PRO A 21 -26.95 14.34 -15.17
CA PRO A 21 -26.14 15.08 -16.16
C PRO A 21 -24.93 15.84 -15.62
N ARG A 22 -25.07 16.52 -14.49
CA ARG A 22 -24.08 17.48 -14.05
C ARG A 22 -23.13 16.96 -12.99
N THR A 23 -23.58 16.04 -12.14
CA THR A 23 -22.75 15.56 -11.04
C THR A 23 -21.62 14.65 -11.52
N PHE A 24 -21.69 14.17 -12.75
CA PHE A 24 -20.64 13.30 -13.29
C PHE A 24 -19.37 14.06 -13.64
N VAL A 25 -19.39 15.39 -13.61
CA VAL A 25 -18.18 16.16 -13.88
C VAL A 25 -17.19 16.02 -12.73
N SER A 26 -17.67 16.19 -11.50
CA SER A 26 -16.83 16.06 -10.31
C SER A 26 -17.13 14.79 -9.54
N ASN A 27 -17.89 13.87 -10.12
CA ASN A 27 -18.12 12.54 -9.56
C ASN A 27 -17.33 11.47 -10.28
N PHE A 28 -17.14 11.63 -11.59
CA PHE A 28 -16.17 10.85 -12.37
C PHE A 28 -14.83 11.56 -12.47
N ASN A 29 -14.49 12.37 -11.48
CA ASN A 29 -13.38 13.30 -11.57
C ASN A 29 -12.05 12.56 -11.58
N ASN A 30 -11.26 12.77 -12.63
CA ASN A 30 -9.93 12.19 -12.70
C ASN A 30 -9.04 12.94 -11.73
N ARG A 31 -9.00 12.45 -10.49
CA ARG A 31 -8.18 12.99 -9.44
C ARG A 31 -7.97 11.79 -8.53
N PRO A 32 -6.71 11.49 -8.16
CA PRO A 32 -6.48 10.26 -7.38
C PRO A 32 -7.05 10.30 -5.98
N ILE A 33 -7.02 11.44 -5.31
CA ILE A 33 -7.49 11.56 -3.94
C ILE A 33 -8.66 12.54 -3.92
N LEU A 34 -9.83 12.05 -3.50
CA LEU A 34 -11.07 12.82 -3.58
C LEU A 34 -12.03 12.25 -2.53
N SER A 35 -12.21 12.97 -1.44
CA SER A 35 -13.10 12.54 -0.37
C SER A 35 -14.43 13.28 -0.45
N GLY A 36 -15.30 13.02 0.52
CA GLY A 36 -16.63 13.59 0.51
C GLY A 36 -17.57 12.98 -0.50
N LEU A 37 -17.51 11.67 -0.70
CA LEU A 37 -18.36 10.98 -1.66
C LEU A 37 -19.09 9.83 -1.00
N ASP A 38 -20.26 9.52 -1.54
CA ASP A 38 -21.13 8.49 -1.02
C ASP A 38 -21.49 7.44 -2.08
N THR A 39 -21.33 7.77 -3.36
CA THR A 39 -21.82 6.94 -4.44
C THR A 39 -20.67 6.38 -5.27
N VAL A 40 -20.68 5.06 -5.46
CA VAL A 40 -19.94 4.41 -6.53
C VAL A 40 -20.90 4.31 -7.71
N TRP A 41 -20.49 4.82 -8.86
CA TRP A 41 -21.30 4.74 -10.06
C TRP A 41 -20.80 3.60 -10.93
N LEU A 42 -21.68 3.08 -11.77
CA LEU A 42 -21.31 2.04 -12.71
C LEU A 42 -22.10 2.32 -13.97
N CYS A 43 -21.43 2.34 -15.11
CA CYS A 43 -22.11 2.65 -16.37
C CYS A 43 -21.72 1.59 -17.40
N CYS A 44 -22.42 0.47 -17.39
CA CYS A 44 -21.99 -0.65 -18.21
C CYS A 44 -22.73 -0.68 -19.55
N GLU A 45 -22.31 -1.60 -20.41
CA GLU A 45 -22.99 -1.88 -21.67
C GLU A 45 -22.63 -3.31 -22.07
N VAL A 46 -23.58 -3.98 -22.72
CA VAL A 46 -23.37 -5.36 -23.14
C VAL A 46 -23.29 -5.41 -24.65
N LYS A 47 -22.50 -6.37 -25.16
CA LYS A 47 -22.25 -6.53 -26.58
C LYS A 47 -21.89 -7.98 -26.86
N THR A 48 -21.96 -8.34 -28.14
CA THR A 48 -21.53 -9.65 -28.59
C THR A 48 -20.01 -9.63 -28.83
N LYS A 49 -19.50 -10.66 -29.51
CA LYS A 49 -18.07 -10.71 -29.82
C LYS A 49 -17.67 -9.67 -30.85
N ASP A 50 -18.60 -9.28 -31.73
CA ASP A 50 -18.33 -8.24 -32.71
C ASP A 50 -18.72 -6.89 -32.14
N PRO A 51 -17.79 -5.96 -31.93
CA PRO A 51 -18.15 -4.64 -31.41
C PRO A 51 -18.72 -3.70 -32.46
N SER A 52 -18.71 -4.08 -33.74
CA SER A 52 -19.26 -3.21 -34.78
C SER A 52 -20.77 -3.15 -34.74
N GLY A 53 -21.42 -4.19 -34.22
CA GLY A 53 -22.86 -4.22 -34.11
C GLY A 53 -23.39 -3.30 -33.04
N PRO A 54 -24.70 -3.01 -33.08
CA PRO A 54 -25.28 -2.16 -32.04
C PRO A 54 -25.35 -2.88 -30.72
N PRO A 55 -25.30 -2.15 -29.60
CA PRO A 55 -25.40 -2.81 -28.29
C PRO A 55 -26.80 -3.36 -28.03
N LEU A 56 -26.84 -4.48 -27.31
CA LEU A 56 -28.11 -5.08 -26.94
C LEU A 56 -28.82 -4.25 -25.87
N ASP A 57 -28.10 -3.86 -24.81
CA ASP A 57 -28.64 -3.03 -23.76
C ASP A 57 -27.49 -2.33 -23.06
N ALA A 58 -27.82 -1.25 -22.36
CA ALA A 58 -26.81 -0.46 -21.64
C ALA A 58 -27.51 0.25 -20.49
N LYS A 59 -27.37 -0.30 -19.28
CA LYS A 59 -28.05 0.22 -18.10
C LYS A 59 -27.03 0.76 -17.11
N ILE A 60 -27.29 1.94 -16.57
CA ILE A 60 -26.40 2.58 -15.61
C ILE A 60 -26.89 2.29 -14.20
N PHE A 61 -25.97 1.85 -13.33
CA PHE A 61 -26.29 1.41 -11.98
C PHE A 61 -25.59 2.31 -10.97
N GLN A 62 -26.17 2.38 -9.77
CA GLN A 62 -25.62 3.19 -8.70
C GLN A 62 -25.56 2.43 -7.38
N GLY A 63 -24.38 1.92 -7.05
CA GLY A 63 -24.19 1.16 -5.82
C GLY A 63 -23.61 2.01 -4.70
N LYS A 64 -24.03 1.72 -3.47
CA LYS A 64 -23.54 2.45 -2.31
C LYS A 64 -22.06 2.18 -2.06
N VAL A 65 -21.37 3.15 -1.48
CA VAL A 65 -19.94 3.02 -1.19
C VAL A 65 -19.72 2.22 0.09
N TYR A 66 -19.48 2.93 1.19
CA TYR A 66 -19.25 2.27 2.47
C TYR A 66 -20.57 1.82 3.11
N PRO A 67 -21.70 2.20 2.50
CA PRO A 67 -23.02 1.84 3.00
C PRO A 67 -23.15 0.35 3.27
N LYS A 68 -23.01 -0.46 2.21
CA LYS A 68 -23.10 -1.91 2.33
C LYS A 68 -22.37 -2.60 1.20
N ALA A 69 -21.85 -3.79 1.48
CA ALA A 69 -21.13 -4.57 0.49
C ALA A 69 -22.07 -5.44 -0.34
N LYS A 70 -23.20 -5.79 0.24
CA LYS A 70 -24.20 -6.61 -0.44
C LYS A 70 -24.98 -5.83 -1.48
N TYR A 71 -25.05 -4.51 -1.36
CA TYR A 71 -25.81 -3.68 -2.29
C TYR A 71 -24.90 -2.71 -3.03
N HIS A 72 -23.71 -3.19 -3.40
CA HIS A 72 -22.75 -2.45 -4.20
C HIS A 72 -23.17 -2.45 -5.68
N PRO A 73 -22.63 -1.53 -6.49
CA PRO A 73 -22.93 -1.56 -7.95
C PRO A 73 -22.50 -2.84 -8.65
N GLU A 74 -21.44 -3.48 -8.17
CA GLU A 74 -21.05 -4.77 -8.70
C GLU A 74 -22.13 -5.82 -8.45
N MET A 75 -22.72 -5.81 -7.25
CA MET A 75 -23.82 -6.72 -6.95
C MET A 75 -25.06 -6.40 -7.77
N ARG A 76 -25.30 -5.11 -8.07
CA ARG A 76 -26.34 -4.71 -9.00
C ARG A 76 -26.12 -5.34 -10.37
N PHE A 77 -24.88 -5.29 -10.85
CA PHE A 77 -24.54 -5.86 -12.15
C PHE A 77 -24.66 -7.38 -12.14
N LEU A 78 -24.26 -7.99 -11.02
CA LEU A 78 -24.32 -9.44 -10.88
C LEU A 78 -25.76 -9.94 -10.87
N ARG A 79 -26.64 -9.17 -10.23
CA ARG A 79 -28.05 -9.53 -10.13
C ARG A 79 -28.76 -9.29 -11.46
N TRP A 80 -28.42 -8.19 -12.13
CA TRP A 80 -29.03 -7.85 -13.40
C TRP A 80 -28.59 -8.82 -14.49
N PHE A 81 -27.33 -9.28 -14.45
CA PHE A 81 -26.88 -10.28 -15.41
C PHE A 81 -27.56 -11.62 -15.19
N HIS A 82 -27.80 -11.97 -13.92
CA HIS A 82 -28.53 -13.19 -13.57
C HIS A 82 -29.96 -13.13 -14.13
N LYS A 83 -30.69 -12.05 -13.84
CA LYS A 83 -32.06 -11.90 -14.29
C LYS A 83 -32.16 -11.75 -15.80
N TRP A 84 -31.12 -11.21 -16.44
CA TRP A 84 -31.11 -11.12 -17.89
C TRP A 84 -30.82 -12.47 -18.55
N ARG A 85 -29.85 -13.21 -18.01
CA ARG A 85 -29.40 -14.43 -18.67
C ARG A 85 -30.35 -15.60 -18.45
N GLN A 86 -31.18 -15.59 -17.41
CA GLN A 86 -32.24 -16.59 -17.37
C GLN A 86 -33.33 -16.32 -18.40
N LEU A 87 -33.47 -15.10 -18.88
CA LEU A 87 -34.44 -14.78 -19.91
C LEU A 87 -33.83 -14.55 -21.29
N HIS A 88 -32.52 -14.76 -21.45
CA HIS A 88 -31.86 -14.55 -22.73
C HIS A 88 -30.98 -15.74 -23.09
N HIS A 89 -30.56 -15.78 -24.35
CA HIS A 89 -29.71 -16.86 -24.84
C HIS A 89 -28.31 -16.75 -24.27
N ASP A 90 -27.72 -17.90 -23.93
CA ASP A 90 -26.37 -17.96 -23.42
C ASP A 90 -25.37 -17.96 -24.58
N GLN A 91 -24.52 -16.95 -24.61
CA GLN A 91 -23.51 -16.80 -25.66
C GLN A 91 -22.36 -15.97 -25.11
N GLU A 92 -21.33 -15.79 -25.94
CA GLU A 92 -20.17 -15.00 -25.55
C GLU A 92 -20.53 -13.53 -25.46
N TYR A 93 -20.17 -12.88 -24.36
CA TYR A 93 -20.53 -11.50 -24.08
C TYR A 93 -19.28 -10.69 -23.81
N LYS A 94 -19.22 -9.48 -24.37
CA LYS A 94 -18.10 -8.56 -24.19
C LYS A 94 -18.66 -7.31 -23.53
N VAL A 95 -18.66 -7.32 -22.20
CA VAL A 95 -19.28 -6.28 -21.39
C VAL A 95 -18.25 -5.19 -21.09
N THR A 96 -18.70 -3.93 -21.09
CA THR A 96 -17.81 -2.82 -20.77
C THR A 96 -18.37 -2.10 -19.55
N TRP A 97 -17.47 -1.70 -18.65
CA TRP A 97 -17.84 -0.93 -17.48
C TRP A 97 -17.20 0.45 -17.56
N TYR A 98 -17.74 1.38 -16.77
CA TYR A 98 -17.10 2.66 -16.49
C TYR A 98 -17.47 3.00 -15.04
N VAL A 99 -16.60 2.65 -14.12
CA VAL A 99 -16.86 2.77 -12.68
C VAL A 99 -16.11 3.98 -12.14
N SER A 100 -16.72 4.69 -11.19
CA SER A 100 -16.10 5.89 -10.66
C SER A 100 -14.92 5.56 -9.75
N TRP A 101 -15.03 4.49 -8.96
CA TRP A 101 -13.96 4.00 -8.12
C TRP A 101 -13.42 2.69 -8.68
N SER A 102 -12.39 2.16 -8.04
CA SER A 102 -12.05 0.78 -8.34
C SER A 102 -12.95 -0.14 -7.51
N PRO A 103 -13.07 -1.40 -7.93
CA PRO A 103 -13.90 -2.39 -7.22
C PRO A 103 -13.47 -2.53 -5.76
N CYS A 104 -14.37 -3.07 -4.94
CA CYS A 104 -14.07 -3.26 -3.52
C CYS A 104 -13.50 -4.64 -3.25
N THR A 105 -12.93 -4.82 -2.07
CA THR A 105 -12.34 -6.10 -1.68
C THR A 105 -13.34 -7.23 -1.84
N ARG A 106 -14.47 -7.12 -1.14
CA ARG A 106 -15.51 -8.13 -1.21
C ARG A 106 -16.11 -8.20 -2.61
N CYS A 107 -16.29 -7.03 -3.21
CA CYS A 107 -16.85 -6.95 -4.55
C CYS A 107 -15.91 -7.58 -5.58
N ALA A 108 -14.62 -7.27 -5.45
CA ALA A 108 -13.62 -7.80 -6.35
C ALA A 108 -13.52 -9.32 -6.20
N ASN A 109 -13.51 -9.79 -4.96
CA ASN A 109 -13.43 -11.21 -4.68
C ASN A 109 -14.72 -11.97 -4.97
N SER A 110 -15.84 -11.26 -5.20
CA SER A 110 -17.03 -11.91 -5.74
C SER A 110 -17.15 -11.75 -7.25
N VAL A 111 -16.74 -10.61 -7.80
CA VAL A 111 -16.82 -10.39 -9.24
C VAL A 111 -15.84 -11.29 -9.97
N ALA A 112 -14.64 -11.51 -9.40
CA ALA A 112 -13.67 -12.42 -9.99
C ALA A 112 -14.18 -13.87 -9.98
N THR A 113 -14.89 -14.24 -8.92
CA THR A 113 -15.54 -15.55 -8.86
C THR A 113 -16.62 -15.65 -9.94
N PHE A 114 -17.34 -14.55 -10.17
CA PHE A 114 -18.37 -14.54 -11.22
C PHE A 114 -17.77 -14.66 -12.62
N LEU A 115 -16.63 -14.00 -12.87
CA LEU A 115 -15.93 -14.18 -14.14
C LEU A 115 -15.36 -15.59 -14.29
N ALA A 116 -14.87 -16.19 -13.19
CA ALA A 116 -14.34 -17.54 -13.32
C ALA A 116 -15.46 -18.58 -13.44
N LYS A 117 -16.68 -18.20 -13.05
CA LYS A 117 -17.82 -19.11 -13.18
C LYS A 117 -18.29 -19.19 -14.62
N ASP A 118 -18.38 -18.06 -15.32
CA ASP A 118 -18.77 -18.02 -16.72
C ASP A 118 -17.62 -17.53 -17.60
N PRO A 119 -17.03 -18.40 -18.43
CA PRO A 119 -15.96 -17.93 -19.32
C PRO A 119 -16.44 -17.04 -20.46
N LYS A 120 -17.76 -17.03 -20.74
CA LYS A 120 -18.28 -16.25 -21.85
C LYS A 120 -18.18 -14.75 -21.59
N VAL A 121 -18.54 -14.33 -20.37
CA VAL A 121 -18.60 -12.90 -20.05
C VAL A 121 -17.20 -12.36 -19.87
N THR A 122 -16.85 -11.34 -20.65
CA THR A 122 -15.53 -10.71 -20.61
C THR A 122 -15.71 -9.23 -20.28
N LEU A 123 -15.29 -8.85 -19.08
CA LEU A 123 -15.41 -7.46 -18.63
C LEU A 123 -14.25 -6.63 -19.16
N THR A 124 -14.45 -5.30 -19.14
CA THR A 124 -13.37 -4.33 -19.31
C THR A 124 -13.64 -3.19 -18.32
N ILE A 125 -13.13 -3.35 -17.09
CA ILE A 125 -13.45 -2.40 -16.03
C ILE A 125 -12.64 -1.13 -16.22
N PHE A 126 -13.31 -0.07 -16.64
CA PHE A 126 -12.69 1.24 -16.75
C PHE A 126 -12.98 2.00 -15.46
N VAL A 127 -11.94 2.55 -14.84
CA VAL A 127 -12.07 3.22 -13.56
C VAL A 127 -11.69 4.69 -13.73
N ALA A 128 -12.40 5.56 -13.01
CA ALA A 128 -12.01 6.96 -12.96
C ALA A 128 -10.88 7.18 -11.97
N ARG A 129 -11.10 6.80 -10.71
CA ARG A 129 -10.08 6.87 -9.67
C ARG A 129 -9.91 5.49 -9.06
N LEU A 130 -8.69 5.20 -8.62
CA LEU A 130 -8.42 3.93 -7.95
C LEU A 130 -8.83 4.00 -6.49
N TYR A 131 -9.63 3.03 -6.05
CA TYR A 131 -10.11 2.96 -4.68
C TYR A 131 -9.10 2.19 -3.84
N TYR A 132 -8.49 2.90 -2.88
CA TYR A 132 -7.62 2.34 -1.84
C TYR A 132 -6.43 1.59 -2.43
N PHE A 133 -5.59 2.31 -3.17
CA PHE A 133 -4.45 1.66 -3.80
C PHE A 133 -3.27 1.48 -2.86
N TRP A 134 -3.33 2.00 -1.63
CA TRP A 134 -2.18 2.02 -0.75
C TRP A 134 -2.24 0.98 0.35
N ASP A 135 -3.23 0.09 0.36
CA ASP A 135 -3.19 -0.98 1.33
C ASP A 135 -3.19 -2.33 0.65
N PRO A 136 -2.45 -3.31 1.19
CA PRO A 136 -2.38 -4.63 0.54
C PRO A 136 -3.69 -5.40 0.49
N ASP A 137 -4.62 -5.12 1.40
CA ASP A 137 -5.90 -5.83 1.44
C ASP A 137 -6.74 -5.54 0.19
N TYR A 138 -6.64 -4.33 -0.35
CA TYR A 138 -7.31 -3.98 -1.58
C TYR A 138 -6.45 -4.32 -2.81
N GLN A 139 -5.13 -4.18 -2.68
CA GLN A 139 -4.24 -4.45 -3.81
C GLN A 139 -4.28 -5.92 -4.22
N GLN A 140 -4.31 -6.83 -3.24
CA GLN A 140 -4.41 -8.26 -3.55
C GLN A 140 -5.75 -8.60 -4.19
N ALA A 141 -6.82 -7.94 -3.75
CA ALA A 141 -8.14 -8.17 -4.34
C ALA A 141 -8.20 -7.68 -5.79
N LEU A 142 -7.58 -6.52 -6.06
CA LEU A 142 -7.52 -6.01 -7.44
C LEU A 142 -6.64 -6.89 -8.31
N ARG A 143 -5.56 -7.44 -7.76
CA ARG A 143 -4.72 -8.36 -8.54
C ARG A 143 -5.45 -9.66 -8.85
N ILE A 144 -6.26 -10.15 -7.89
CA ILE A 144 -7.07 -11.34 -8.12
C ILE A 144 -8.10 -11.09 -9.21
N LEU A 145 -8.77 -9.93 -9.15
CA LEU A 145 -9.76 -9.56 -10.17
C LEU A 145 -9.12 -9.43 -11.56
N ALA A 146 -7.94 -8.83 -11.63
CA ALA A 146 -7.27 -8.67 -12.91
C ALA A 146 -6.74 -9.98 -13.45
N GLU A 147 -6.30 -10.89 -12.56
CA GLU A 147 -5.87 -12.21 -13.00
C GLU A 147 -7.05 -13.10 -13.38
N ALA A 148 -8.26 -12.77 -12.94
CA ALA A 148 -9.44 -13.53 -13.33
C ALA A 148 -9.79 -13.35 -14.81
N GLY A 149 -9.36 -12.26 -15.43
CA GLY A 149 -9.58 -12.07 -16.86
C GLY A 149 -10.35 -10.81 -17.23
N ALA A 150 -10.26 -9.78 -16.40
CA ALA A 150 -10.90 -8.49 -16.66
C ALA A 150 -9.80 -7.45 -16.87
N THR A 151 -9.69 -6.94 -18.10
CA THR A 151 -8.66 -5.97 -18.43
C THR A 151 -9.07 -4.61 -17.89
N MET A 152 -8.35 -4.14 -16.88
CA MET A 152 -8.72 -2.94 -16.14
C MET A 152 -7.81 -1.79 -16.53
N LYS A 153 -8.38 -0.72 -17.06
CA LYS A 153 -7.64 0.42 -17.58
C LYS A 153 -8.17 1.71 -16.98
N ILE A 154 -7.26 2.64 -16.68
CA ILE A 154 -7.66 3.98 -16.26
C ILE A 154 -8.29 4.71 -17.42
N MET A 155 -9.40 5.40 -17.16
CA MET A 155 -10.15 6.09 -18.20
C MET A 155 -9.38 7.28 -18.76
N ASN A 156 -9.29 7.35 -20.09
CA ASN A 156 -8.70 8.45 -20.80
C ASN A 156 -9.78 9.42 -21.26
N TYR A 157 -9.43 10.35 -22.15
CA TYR A 157 -10.40 11.29 -22.68
C TYR A 157 -11.45 10.61 -23.55
N ASN A 158 -11.05 9.58 -24.31
CA ASN A 158 -11.97 8.95 -25.24
C ASN A 158 -13.04 8.15 -24.52
N GLU A 159 -12.67 7.47 -23.44
CA GLU A 159 -13.66 6.73 -22.65
C GLU A 159 -14.60 7.68 -21.92
N PHE A 160 -14.08 8.82 -21.46
CA PHE A 160 -14.93 9.83 -20.85
C PHE A 160 -15.90 10.43 -21.86
N GLN A 161 -15.45 10.61 -23.10
CA GLN A 161 -16.33 11.09 -24.17
C GLN A 161 -17.40 10.06 -24.50
N ASP A 162 -17.04 8.78 -24.48
CA ASP A 162 -18.02 7.71 -24.66
C ASP A 162 -19.06 7.72 -23.54
N CYS A 163 -18.60 7.93 -22.29
CA CYS A 163 -19.51 7.99 -21.15
C CYS A 163 -20.45 9.19 -21.24
N TRP A 164 -19.94 10.34 -21.69
CA TRP A 164 -20.81 11.51 -21.84
C TRP A 164 -21.76 11.35 -23.02
N ASN A 165 -21.32 10.68 -24.09
CA ASN A 165 -22.18 10.51 -25.25
C ASN A 165 -23.30 9.52 -24.97
N LYS A 166 -23.03 8.47 -24.21
CA LYS A 166 -24.05 7.45 -23.98
C LYS A 166 -24.85 7.68 -22.71
N PHE A 167 -24.16 7.83 -21.58
CA PHE A 167 -24.74 7.66 -20.26
C PHE A 167 -24.90 8.97 -19.50
N VAL A 168 -24.89 10.09 -20.21
CA VAL A 168 -25.09 11.42 -19.63
C VAL A 168 -26.16 12.12 -20.46
N ASP A 169 -27.19 12.65 -19.80
CA ASP A 169 -28.24 13.39 -20.49
C ASP A 169 -27.67 14.75 -20.87
N GLY A 170 -26.93 14.77 -21.97
CA GLY A 170 -26.45 16.01 -22.51
C GLY A 170 -27.50 16.70 -23.35
N ARG A 171 -27.48 18.03 -23.31
CA ARG A 171 -28.44 18.86 -24.05
C ARG A 171 -27.89 19.26 -25.41
N GLY A 172 -27.05 18.42 -26.02
CA GLY A 172 -26.30 18.78 -27.20
C GLY A 172 -24.93 19.34 -26.91
N LYS A 173 -24.63 19.64 -25.65
CA LYS A 173 -23.34 20.18 -25.28
C LYS A 173 -22.28 19.08 -25.33
N PRO A 174 -21.05 19.38 -25.74
CA PRO A 174 -20.01 18.35 -25.78
C PRO A 174 -19.34 18.20 -24.42
N PHE A 175 -18.53 17.15 -24.32
CA PHE A 175 -17.79 16.89 -23.09
C PHE A 175 -16.65 17.88 -22.95
N LYS A 176 -16.66 18.66 -21.87
CA LYS A 176 -15.59 19.59 -21.59
C LYS A 176 -14.69 18.98 -20.52
N PRO A 177 -13.45 18.62 -20.84
CA PRO A 177 -12.58 18.03 -19.82
C PRO A 177 -12.16 19.06 -18.79
N TRP A 178 -12.10 18.63 -17.54
CA TRP A 178 -11.77 19.53 -16.44
C TRP A 178 -10.28 19.83 -16.42
N ASN A 179 -9.90 20.75 -15.54
CA ASN A 179 -8.49 21.06 -15.34
C ASN A 179 -7.79 19.88 -14.69
N ASN A 180 -6.54 19.65 -15.11
CA ASN A 180 -5.68 18.57 -14.62
C ASN A 180 -6.31 17.19 -14.81
N LEU A 181 -6.83 16.95 -16.01
CA LEU A 181 -7.21 15.60 -16.41
C LEU A 181 -6.01 14.74 -16.80
N PRO A 182 -5.08 15.13 -17.74
CA PRO A 182 -4.08 14.15 -18.19
C PRO A 182 -2.96 13.94 -17.19
N LYS A 183 -2.67 14.94 -16.35
CA LYS A 183 -1.70 14.77 -15.27
C LYS A 183 -2.18 13.74 -14.27
N HIS A 184 -3.47 13.79 -13.92
CA HIS A 184 -4.03 12.76 -13.07
C HIS A 184 -4.15 11.42 -13.80
N TYR A 185 -4.33 11.46 -15.13
CA TYR A 185 -4.40 10.22 -15.90
C TYR A 185 -3.08 9.46 -15.85
N THR A 186 -1.97 10.17 -16.06
CA THR A 186 -0.68 9.49 -15.99
C THR A 186 -0.30 9.16 -14.54
N LEU A 187 -0.71 10.01 -13.58
CA LEU A 187 -0.49 9.73 -12.17
C LEU A 187 -1.23 8.48 -11.70
N LEU A 188 -2.38 8.18 -12.31
CA LEU A 188 -3.14 6.98 -11.96
C LEU A 188 -2.75 5.76 -12.78
N GLN A 189 -2.38 5.95 -14.05
CA GLN A 189 -1.97 4.83 -14.88
C GLN A 189 -0.64 4.25 -14.41
N ALA A 190 0.28 5.11 -13.97
CA ALA A 190 1.56 4.57 -13.53
C ALA A 190 1.52 3.96 -12.13
N THR A 191 0.40 4.06 -11.41
CA THR A 191 0.20 3.27 -10.20
C THR A 191 -0.71 2.08 -10.41
N LEU A 192 -1.57 2.11 -11.43
CA LEU A 192 -2.21 0.87 -11.85
C LEU A 192 -1.19 -0.08 -12.46
N GLY A 193 -0.21 0.47 -13.17
CA GLY A 193 0.83 -0.34 -13.79
C GLY A 193 1.80 -0.91 -12.80
N GLU A 194 1.80 -0.36 -11.58
CA GLU A 194 2.68 -0.82 -10.53
C GLU A 194 1.94 -1.65 -9.49
N LEU A 195 0.61 -1.50 -9.47
CA LEU A 195 -0.22 -2.23 -8.52
C LEU A 195 -0.77 -3.52 -9.15
N LEU A 196 -0.69 -3.59 -10.49
CA LEU A 196 -1.18 -4.76 -11.21
C LEU A 196 -0.03 -5.56 -11.79
N ARG A 197 1.19 -5.29 -11.30
CA ARG A 197 2.39 -5.98 -11.74
C ARG A 197 2.53 -6.00 -13.26
N HIS A 198 2.14 -4.90 -13.90
CA HIS A 198 2.21 -4.78 -15.35
C HIS A 198 3.67 -4.71 -15.79
N LEU A 199 4.04 -5.58 -16.71
CA LEU A 199 5.41 -5.69 -17.19
C LEU A 199 5.43 -5.50 -18.69
N MET A 200 6.46 -4.80 -19.18
CA MET A 200 6.60 -4.54 -20.60
C MET A 200 6.89 -5.82 -21.38
N ASP A 201 6.50 -5.83 -22.65
CA ASP A 201 6.72 -6.99 -23.49
C ASP A 201 8.20 -7.14 -23.83
N PRO A 202 8.66 -8.36 -24.09
CA PRO A 202 10.03 -8.54 -24.60
C PRO A 202 10.30 -7.81 -25.90
N GLY A 203 9.28 -7.67 -26.75
CA GLY A 203 9.47 -7.08 -28.06
C GLY A 203 9.85 -5.60 -28.02
N THR A 204 9.18 -4.83 -27.16
CA THR A 204 9.54 -3.42 -27.05
C THR A 204 10.86 -3.23 -26.32
N PHE A 205 11.22 -4.16 -25.43
CA PHE A 205 12.52 -4.14 -24.78
C PHE A 205 13.64 -4.34 -25.80
N THR A 206 13.54 -5.39 -26.62
CA THR A 206 14.58 -5.58 -27.62
C THR A 206 14.46 -4.60 -28.79
N SER A 207 13.34 -3.88 -28.89
CA SER A 207 13.24 -2.82 -29.87
C SER A 207 13.99 -1.57 -29.42
N ASN A 208 13.73 -1.08 -28.21
CA ASN A 208 14.24 0.24 -27.85
C ASN A 208 15.45 0.12 -26.92
N PHE A 209 15.36 -0.71 -25.87
CA PHE A 209 16.33 -0.70 -24.78
C PHE A 209 17.73 -1.13 -25.19
N ASN A 210 17.87 -1.82 -26.32
CA ASN A 210 19.19 -2.21 -26.81
C ASN A 210 19.99 -0.98 -27.25
N ASN A 211 21.28 -0.99 -26.94
CA ASN A 211 22.13 0.19 -27.11
C ASN A 211 22.96 0.14 -28.38
N LYS A 212 22.52 -0.61 -29.39
CA LYS A 212 23.03 -0.40 -30.73
C LYS A 212 22.58 0.96 -31.22
N PRO A 213 23.40 1.69 -31.98
CA PRO A 213 23.13 3.12 -32.18
C PRO A 213 21.95 3.40 -33.12
N TRP A 214 21.39 4.58 -32.92
CA TRP A 214 20.14 5.01 -33.55
C TRP A 214 20.32 5.21 -35.04
N VAL A 215 19.80 4.27 -35.84
CA VAL A 215 19.82 4.39 -37.29
C VAL A 215 18.41 4.23 -37.85
N SER A 216 17.55 3.50 -37.14
CA SER A 216 16.20 3.22 -37.60
C SER A 216 15.34 2.83 -36.41
N GLY A 217 14.10 3.31 -36.40
CA GLY A 217 13.17 3.00 -35.31
C GLY A 217 13.58 3.71 -34.02
N GLN A 218 13.00 3.21 -32.92
CA GLN A 218 13.28 3.66 -31.55
C GLN A 218 13.01 5.16 -31.37
N HIS A 219 11.75 5.55 -31.57
CA HIS A 219 11.38 6.95 -31.49
C HIS A 219 11.02 7.36 -30.06
N GLU A 220 10.62 6.43 -29.21
CA GLU A 220 9.97 6.74 -27.95
C GLU A 220 10.76 6.18 -26.78
N THR A 221 11.07 7.04 -25.81
CA THR A 221 11.86 6.61 -24.67
C THR A 221 11.01 5.80 -23.69
N TYR A 222 11.70 5.10 -22.80
CA TYR A 222 11.04 4.26 -21.81
C TYR A 222 11.60 4.55 -20.42
N LEU A 223 11.22 3.75 -19.44
CA LEU A 223 11.66 3.99 -18.07
C LEU A 223 11.53 2.69 -17.30
N CYS A 224 12.31 2.56 -16.23
CA CYS A 224 12.14 1.47 -15.28
C CYS A 224 12.57 2.02 -13.93
N TYR A 225 11.62 2.46 -13.12
CA TYR A 225 11.94 3.02 -11.82
C TYR A 225 11.84 1.95 -10.75
N LYS A 226 12.55 2.19 -9.64
CA LYS A 226 12.66 1.21 -8.57
C LYS A 226 13.02 1.93 -7.28
N VAL A 227 12.31 1.65 -6.20
CA VAL A 227 12.44 2.41 -4.96
C VAL A 227 12.96 1.53 -3.85
N GLU A 228 13.96 2.02 -3.12
CA GLU A 228 14.53 1.38 -1.95
C GLU A 228 14.24 2.23 -0.71
N ARG A 229 14.78 1.83 0.44
CA ARG A 229 14.46 2.51 1.69
C ARG A 229 15.65 3.11 2.43
N LEU A 230 16.85 2.54 2.32
CA LEU A 230 18.02 2.88 3.17
C LEU A 230 17.65 2.82 4.65
N HIS A 231 17.44 1.61 5.12
CA HIS A 231 17.12 1.42 6.53
C HIS A 231 18.40 1.53 7.36
N ASN A 232 18.21 1.46 8.69
CA ASN A 232 19.34 1.58 9.61
C ASN A 232 20.34 0.44 9.44
N ASP A 233 19.86 -0.75 9.09
CA ASP A 233 20.77 -1.84 8.75
C ASP A 233 21.46 -1.59 7.42
N THR A 234 20.68 -1.63 6.32
CA THR A 234 21.13 -1.48 4.93
C THR A 234 19.98 -1.02 4.05
N TRP A 235 20.22 -0.95 2.74
CA TRP A 235 19.13 -0.72 1.80
C TRP A 235 18.21 -1.93 1.73
N VAL A 236 16.91 -1.67 1.68
CA VAL A 236 15.95 -2.73 1.38
C VAL A 236 14.93 -2.20 0.36
N PRO A 237 14.71 -2.91 -0.74
CA PRO A 237 13.74 -2.44 -1.74
C PRO A 237 12.31 -2.58 -1.26
N LEU A 238 11.48 -1.61 -1.60
CA LEU A 238 10.03 -1.78 -1.55
C LEU A 238 9.58 -2.50 -2.81
N ASN A 239 8.61 -3.40 -2.66
CA ASN A 239 8.08 -4.12 -3.80
C ASN A 239 6.81 -3.51 -4.37
N GLN A 240 6.20 -2.55 -3.68
CA GLN A 240 4.94 -1.98 -4.12
C GLN A 240 5.12 -0.72 -4.96
N HIS A 241 6.36 -0.29 -5.21
CA HIS A 241 6.65 0.85 -6.08
C HIS A 241 7.70 0.41 -7.10
N ARG A 242 7.24 -0.19 -8.19
CA ARG A 242 8.12 -0.75 -9.21
C ARG A 242 7.32 -0.91 -10.49
N GLY A 243 7.77 -0.30 -11.57
CA GLY A 243 7.08 -0.42 -12.83
C GLY A 243 7.80 0.36 -13.92
N PHE A 244 7.30 0.20 -15.14
CA PHE A 244 7.85 0.91 -16.29
C PHE A 244 6.93 2.09 -16.62
N LEU A 245 7.49 3.28 -16.61
CA LEU A 245 6.73 4.51 -16.84
C LEU A 245 7.16 5.11 -18.17
N ARG A 246 6.60 4.61 -19.26
CA ARG A 246 6.88 5.14 -20.58
C ARG A 246 6.38 6.57 -20.71
N ASN A 247 7.09 7.38 -21.49
CA ASN A 247 6.70 8.76 -21.68
C ASN A 247 5.47 8.83 -22.56
N GLN A 248 4.59 9.78 -22.27
CA GLN A 248 3.30 9.84 -22.92
C GLN A 248 3.44 10.40 -24.34
N ALA A 249 2.52 9.99 -25.21
CA ALA A 249 2.52 10.45 -26.58
C ALA A 249 2.25 11.95 -26.65
N PRO A 250 3.00 12.70 -27.46
CA PRO A 250 2.92 14.16 -27.38
C PRO A 250 1.67 14.74 -28.03
N ASN A 251 0.70 15.13 -27.19
CA ASN A 251 -0.53 15.81 -27.57
C ASN A 251 -1.33 15.00 -28.60
N ILE A 252 -1.83 13.86 -28.13
CA ILE A 252 -2.52 12.91 -29.00
C ILE A 252 -3.81 13.50 -29.57
N HIS A 253 -4.44 14.46 -28.87
CA HIS A 253 -5.46 15.29 -29.49
C HIS A 253 -5.38 16.74 -29.00
N GLY A 254 -4.17 17.19 -28.67
CA GLY A 254 -3.96 18.57 -28.26
C GLY A 254 -4.11 18.81 -26.78
N PHE A 255 -5.29 18.46 -26.25
CA PHE A 255 -5.55 18.59 -24.81
C PHE A 255 -4.64 17.78 -23.89
N PRO A 256 -4.28 16.51 -24.16
CA PRO A 256 -3.34 15.83 -23.25
C PRO A 256 -1.94 16.40 -23.34
N LYS A 257 -1.34 16.61 -22.16
CA LYS A 257 0.01 17.14 -22.09
C LYS A 257 1.00 16.06 -22.50
N GLY A 258 1.86 16.39 -23.47
CA GLY A 258 2.87 15.47 -23.93
C GLY A 258 4.15 15.59 -23.13
N ARG A 259 4.32 14.68 -22.17
CA ARG A 259 5.40 14.79 -21.19
C ARG A 259 6.65 14.09 -21.70
N HIS A 260 7.73 14.86 -21.83
CA HIS A 260 9.00 14.32 -22.28
C HIS A 260 9.87 14.02 -21.06
N ALA A 261 10.91 13.21 -21.25
CA ALA A 261 11.82 12.84 -20.18
C ALA A 261 11.10 12.33 -18.94
N GLN A 262 10.26 11.32 -19.14
CA GLN A 262 9.53 10.73 -18.04
C GLN A 262 9.34 11.82 -17.02
N LEU A 263 8.51 12.80 -17.37
CA LEU A 263 8.19 13.90 -16.47
C LEU A 263 7.31 13.32 -15.38
N CYS A 264 6.42 12.42 -15.79
CA CYS A 264 5.53 11.73 -14.87
C CYS A 264 6.35 11.11 -13.74
N PHE A 265 7.62 10.76 -13.96
CA PHE A 265 8.33 10.19 -12.82
C PHE A 265 8.59 11.25 -11.74
N LEU A 266 9.11 12.39 -12.18
CA LEU A 266 9.40 13.49 -11.26
C LEU A 266 8.11 14.04 -10.65
N ASP A 267 7.05 14.03 -11.44
CA ASP A 267 5.75 14.52 -10.99
C ASP A 267 5.08 13.47 -10.12
N LEU A 268 5.45 12.21 -10.33
CA LEU A 268 4.90 11.10 -9.57
C LEU A 268 5.72 10.85 -8.31
N ILE A 269 6.85 11.53 -8.20
CA ILE A 269 7.73 11.39 -7.05
C ILE A 269 6.97 11.65 -5.77
N PRO A 270 6.44 12.87 -5.61
CA PRO A 270 5.64 13.29 -4.44
C PRO A 270 4.30 12.61 -4.31
N PHE A 271 3.83 11.88 -5.33
CA PHE A 271 2.51 11.26 -5.24
C PHE A 271 2.47 10.12 -4.24
N TRP A 272 3.60 9.46 -4.00
CA TRP A 272 3.62 8.39 -3.02
C TRP A 272 3.59 8.88 -1.58
N LYS A 273 3.68 10.21 -1.36
CA LYS A 273 3.91 10.81 -0.04
C LYS A 273 5.13 10.21 0.63
N LEU A 274 6.30 10.46 0.03
CA LEU A 274 7.56 9.92 0.49
C LEU A 274 7.92 10.45 1.88
N ASP A 275 8.32 9.53 2.76
CA ASP A 275 8.63 9.85 4.14
C ASP A 275 9.95 10.63 4.21
N GLY A 276 10.19 11.28 5.35
CA GLY A 276 11.45 11.97 5.56
C GLY A 276 12.64 11.05 5.67
N GLN A 277 12.40 9.75 5.86
CA GLN A 277 13.39 8.70 5.66
C GLN A 277 14.05 8.81 4.30
N GLN A 278 15.37 8.97 4.30
CA GLN A 278 16.13 9.18 3.07
C GLN A 278 16.39 7.85 2.37
N TYR A 279 16.38 7.90 1.03
CA TYR A 279 16.67 6.74 0.18
C TYR A 279 16.99 7.22 -1.23
N ARG A 280 17.10 6.26 -2.16
CA ARG A 280 17.39 6.52 -3.55
C ARG A 280 16.33 5.85 -4.42
N VAL A 281 16.12 6.43 -5.60
CA VAL A 281 15.20 5.91 -6.60
C VAL A 281 15.98 5.66 -7.89
N THR A 282 15.83 4.47 -8.44
CA THR A 282 16.55 4.04 -9.62
C THR A 282 15.70 4.28 -10.86
N CYS A 283 16.33 4.84 -11.89
CA CYS A 283 15.64 5.22 -13.13
C CYS A 283 16.43 4.63 -14.28
N PHE A 284 15.97 3.50 -14.81
CA PHE A 284 16.62 2.83 -15.93
C PHE A 284 16.08 3.43 -17.23
N THR A 285 16.53 4.64 -17.53
CA THR A 285 16.00 5.33 -18.70
C THR A 285 16.66 4.76 -19.94
N SER A 286 15.88 4.58 -21.01
CA SER A 286 16.41 4.15 -22.29
C SER A 286 16.96 5.30 -23.13
N TRP A 287 17.19 6.47 -22.54
CA TRP A 287 17.86 7.59 -23.18
C TRP A 287 18.60 8.36 -22.09
N SER A 288 19.06 9.56 -22.41
CA SER A 288 19.58 10.44 -21.37
C SER A 288 18.61 11.58 -21.16
N PRO A 289 18.47 12.08 -19.93
CA PRO A 289 17.62 13.26 -19.69
C PRO A 289 18.07 14.48 -20.48
N CYS A 290 17.17 15.03 -21.30
CA CYS A 290 17.50 16.16 -22.16
C CYS A 290 17.54 17.44 -21.33
N PHE A 291 17.86 18.54 -22.01
CA PHE A 291 18.00 19.86 -21.39
C PHE A 291 16.65 20.42 -20.95
N SER A 292 15.58 19.88 -21.53
CA SER A 292 14.24 20.30 -21.18
C SER A 292 13.61 19.31 -20.19
N CYS A 293 14.44 18.43 -19.64
CA CYS A 293 13.99 17.43 -18.71
C CYS A 293 14.98 17.23 -17.55
N ALA A 294 16.21 17.72 -17.68
CA ALA A 294 17.16 17.52 -16.59
C ALA A 294 17.26 18.71 -15.62
N GLN A 295 16.91 19.92 -16.05
CA GLN A 295 16.91 21.05 -15.11
C GLN A 295 15.82 20.88 -14.07
N GLU A 296 14.66 20.32 -14.47
CA GLU A 296 13.62 19.95 -13.52
C GLU A 296 14.12 18.89 -12.54
N MET A 297 14.91 17.94 -13.03
CA MET A 297 15.52 16.92 -12.17
C MET A 297 16.50 17.53 -11.17
N ALA A 298 17.33 18.47 -11.63
CA ALA A 298 18.30 19.11 -10.74
C ALA A 298 17.60 19.96 -9.67
N LYS A 299 16.57 20.71 -10.05
CA LYS A 299 15.80 21.47 -9.08
C LYS A 299 15.07 20.55 -8.11
N PHE A 300 14.55 19.42 -8.61
CA PHE A 300 13.80 18.49 -7.79
C PHE A 300 14.70 17.78 -6.79
N ILE A 301 15.92 17.44 -7.19
CA ILE A 301 16.86 16.84 -6.24
C ILE A 301 17.50 17.90 -5.36
N SER A 302 17.39 19.19 -5.73
CA SER A 302 17.85 20.25 -4.85
C SER A 302 16.88 20.46 -3.69
N ASN A 303 15.60 20.71 -3.99
CA ASN A 303 14.67 21.04 -2.91
C ASN A 303 14.21 19.83 -2.10
N ASN A 304 14.41 18.62 -2.63
CA ASN A 304 14.15 17.38 -1.89
C ASN A 304 15.50 16.75 -1.57
N GLU A 305 16.01 17.04 -0.37
CA GLU A 305 17.33 16.54 0.02
C GLU A 305 17.28 15.07 0.37
N HIS A 306 16.13 14.57 0.84
CA HIS A 306 16.06 13.20 1.34
C HIS A 306 16.12 12.17 0.21
N VAL A 307 15.61 12.50 -0.97
CA VAL A 307 15.53 11.55 -2.07
C VAL A 307 16.72 11.79 -2.99
N SER A 308 17.57 10.79 -3.14
CA SER A 308 18.59 10.78 -4.17
C SER A 308 18.08 9.95 -5.35
N LEU A 309 18.52 10.32 -6.55
CA LEU A 309 17.93 9.81 -7.78
C LEU A 309 19.03 9.25 -8.66
N CYS A 310 19.24 7.94 -8.63
CA CYS A 310 20.27 7.31 -9.43
C CYS A 310 19.69 6.87 -10.77
N ILE A 311 20.50 7.02 -11.82
CA ILE A 311 20.05 6.94 -13.20
C ILE A 311 20.97 6.01 -13.97
N PHE A 312 20.38 5.11 -14.75
CA PHE A 312 21.15 4.25 -15.65
C PHE A 312 20.58 4.43 -17.05
N ALA A 313 21.42 4.86 -17.98
CA ALA A 313 21.00 5.30 -19.29
C ALA A 313 21.46 4.33 -20.37
N ALA A 314 20.60 4.03 -21.33
CA ALA A 314 20.99 3.16 -22.42
C ALA A 314 21.86 3.89 -23.44
N ARG A 315 21.34 4.96 -24.03
CA ARG A 315 22.07 5.74 -25.01
C ARG A 315 22.05 7.21 -24.61
N ILE A 316 23.16 7.89 -24.82
CA ILE A 316 23.27 9.30 -24.47
C ILE A 316 22.54 10.13 -25.52
N TYR A 317 21.64 11.01 -25.07
CA TYR A 317 20.96 11.93 -25.97
C TYR A 317 21.94 13.00 -26.43
N ASP A 318 22.18 13.06 -27.75
CA ASP A 318 23.07 14.06 -28.33
C ASP A 318 22.42 14.54 -29.62
N ASP A 319 21.82 15.73 -29.57
CA ASP A 319 21.18 16.35 -30.72
C ASP A 319 21.51 17.84 -30.79
N GLN A 320 22.69 18.21 -30.30
CA GLN A 320 23.14 19.60 -30.13
C GLN A 320 22.14 20.41 -29.31
N GLY A 321 21.63 19.80 -28.25
CA GLY A 321 20.65 20.44 -27.40
C GLY A 321 21.26 20.98 -26.11
N ARG A 322 22.59 21.14 -26.11
CA ARG A 322 23.39 21.59 -24.95
C ARG A 322 23.13 20.72 -23.72
N TYR A 323 23.15 19.41 -23.94
CA TYR A 323 22.90 18.43 -22.89
C TYR A 323 24.03 18.36 -21.87
N GLN A 324 25.22 18.87 -22.21
CA GLN A 324 26.38 18.77 -21.33
C GLN A 324 26.18 19.54 -20.03
N GLU A 325 25.63 20.75 -20.13
CA GLU A 325 25.38 21.57 -18.94
C GLU A 325 24.32 20.94 -18.05
N GLY A 326 23.26 20.40 -18.65
CA GLY A 326 22.23 19.74 -17.87
C GLY A 326 22.73 18.47 -17.20
N LEU A 327 23.58 17.70 -17.87
CA LEU A 327 24.16 16.51 -17.26
C LEU A 327 25.12 16.88 -16.14
N ARG A 328 25.90 17.95 -16.32
CA ARG A 328 26.82 18.41 -15.28
C ARG A 328 26.07 18.88 -14.04
N THR A 329 25.02 19.67 -14.21
CA THR A 329 24.24 20.12 -13.07
C THR A 329 23.33 19.03 -12.52
N LEU A 330 23.11 17.94 -13.26
CA LEU A 330 22.41 16.80 -12.71
C LEU A 330 23.33 15.98 -11.81
N HIS A 331 24.57 15.75 -12.26
CA HIS A 331 25.52 14.97 -11.47
C HIS A 331 26.00 15.73 -10.25
N ARG A 332 26.16 17.06 -10.38
CA ARG A 332 26.79 17.83 -9.32
C ARG A 332 25.93 17.92 -8.07
N ASP A 333 24.61 17.89 -8.24
CA ASP A 333 23.71 18.06 -7.11
C ASP A 333 23.62 16.79 -6.26
N GLY A 334 23.88 15.62 -6.84
CA GLY A 334 23.85 14.40 -6.06
C GLY A 334 23.17 13.21 -6.71
N ALA A 335 22.78 13.35 -7.98
CA ALA A 335 22.22 12.23 -8.72
C ALA A 335 23.33 11.30 -9.19
N LYS A 336 23.12 10.00 -9.07
CA LYS A 336 24.15 9.00 -9.34
C LYS A 336 23.92 8.40 -10.73
N ILE A 337 24.30 9.16 -11.76
CA ILE A 337 24.16 8.70 -13.13
C ILE A 337 25.26 7.69 -13.45
N ALA A 338 24.87 6.57 -14.05
CA ALA A 338 25.80 5.57 -14.55
C ALA A 338 25.27 5.15 -15.91
N MET A 339 25.79 4.05 -16.45
CA MET A 339 25.40 3.62 -17.78
C MET A 339 25.18 2.11 -17.79
N MET A 340 24.28 1.66 -18.66
CA MET A 340 23.69 0.34 -18.55
C MET A 340 24.67 -0.73 -19.03
N ASN A 341 24.99 -1.66 -18.14
CA ASN A 341 25.81 -2.84 -18.43
C ASN A 341 24.93 -4.08 -18.45
N TYR A 342 25.55 -5.26 -18.55
CA TYR A 342 24.78 -6.49 -18.60
C TYR A 342 24.15 -6.81 -17.25
N SER A 343 24.71 -6.30 -16.15
CA SER A 343 24.07 -6.48 -14.85
C SER A 343 22.74 -5.73 -14.78
N GLU A 344 22.74 -4.45 -15.21
CA GLU A 344 21.52 -3.66 -15.17
C GLU A 344 20.52 -4.11 -16.23
N PHE A 345 21.02 -4.53 -17.39
CA PHE A 345 20.14 -5.09 -18.42
C PHE A 345 19.52 -6.40 -17.97
N GLU A 346 20.30 -7.22 -17.26
CA GLU A 346 19.79 -8.47 -16.69
C GLU A 346 18.73 -8.19 -15.63
N TYR A 347 18.93 -7.15 -14.81
CA TYR A 347 17.93 -6.77 -13.82
C TYR A 347 16.66 -6.25 -14.50
N CYS A 348 16.80 -5.50 -15.58
CA CYS A 348 15.64 -4.97 -16.28
C CYS A 348 14.85 -6.07 -16.98
N TRP A 349 15.55 -7.10 -17.46
CA TRP A 349 14.85 -8.25 -18.02
C TRP A 349 14.24 -9.11 -16.92
N ASP A 350 14.88 -9.19 -15.77
CA ASP A 350 14.42 -10.08 -14.71
C ASP A 350 13.21 -9.53 -13.97
N THR A 351 13.16 -8.22 -13.76
CA THR A 351 12.13 -7.65 -12.90
C THR A 351 10.97 -7.02 -13.68
N PHE A 352 11.27 -6.10 -14.59
CA PHE A 352 10.23 -5.27 -15.21
C PHE A 352 9.72 -5.84 -16.53
N VAL A 353 10.20 -7.00 -16.96
CA VAL A 353 9.79 -7.58 -18.24
C VAL A 353 9.21 -8.96 -17.96
N ASP A 354 8.00 -9.22 -18.47
CA ASP A 354 7.34 -10.52 -18.33
C ASP A 354 8.00 -11.57 -19.22
N ARG A 355 9.13 -12.07 -18.74
CA ARG A 355 9.97 -13.02 -19.47
C ARG A 355 9.36 -14.40 -19.57
N GLN A 356 8.32 -14.70 -18.77
CA GLN A 356 7.60 -15.99 -18.69
C GLN A 356 8.53 -17.20 -18.48
N GLY A 357 9.70 -16.96 -17.87
CA GLY A 357 10.69 -17.99 -17.65
C GLY A 357 11.85 -17.97 -18.62
N ARG A 358 11.74 -17.25 -19.72
CA ARG A 358 12.82 -17.19 -20.70
C ARG A 358 13.98 -16.36 -20.16
N PRO A 359 15.22 -16.82 -20.32
CA PRO A 359 16.37 -16.07 -19.80
C PRO A 359 16.72 -14.90 -20.70
N PHE A 360 17.54 -14.01 -20.17
CA PHE A 360 17.94 -12.80 -20.89
C PHE A 360 18.93 -13.15 -22.00
N GLN A 361 18.67 -12.63 -23.19
CA GLN A 361 19.55 -12.80 -24.33
C GLN A 361 20.29 -11.51 -24.63
N PRO A 362 21.61 -11.55 -24.83
CA PRO A 362 22.35 -10.35 -25.18
C PRO A 362 22.43 -10.16 -26.69
N TRP A 363 23.04 -9.04 -27.08
CA TRP A 363 23.22 -8.67 -28.47
C TRP A 363 24.71 -8.65 -28.82
N ASP A 364 25.00 -8.24 -30.05
CA ASP A 364 26.38 -8.13 -30.49
C ASP A 364 27.04 -6.91 -29.85
N GLY A 365 28.22 -7.09 -29.29
CA GLY A 365 28.99 -6.01 -28.70
C GLY A 365 28.35 -5.38 -27.47
N LEU A 366 27.95 -6.20 -26.51
CA LEU A 366 27.36 -5.69 -25.27
C LEU A 366 28.39 -4.88 -24.47
N ASP A 367 29.54 -5.46 -24.19
CA ASP A 367 30.57 -4.79 -23.40
C ASP A 367 31.27 -3.71 -24.20
N GLU A 368 31.40 -3.91 -25.51
CA GLU A 368 32.03 -2.91 -26.38
C GLU A 368 31.20 -1.64 -26.43
N HIS A 369 29.89 -1.76 -26.67
CA HIS A 369 29.02 -0.59 -26.69
C HIS A 369 28.87 0.02 -25.30
N SER A 370 28.81 -0.82 -24.26
CA SER A 370 28.68 -0.30 -22.90
C SER A 370 29.91 0.49 -22.48
N GLN A 371 31.11 -0.01 -22.77
CA GLN A 371 32.31 0.73 -22.41
C GLN A 371 32.55 1.92 -23.34
N ALA A 372 32.12 1.84 -24.60
CA ALA A 372 32.23 2.99 -25.49
C ALA A 372 31.31 4.14 -25.02
N LEU A 373 30.07 3.81 -24.68
CA LEU A 373 29.16 4.84 -24.19
C LEU A 373 29.54 5.34 -22.81
N SER A 374 30.10 4.47 -21.97
CA SER A 374 30.59 4.93 -20.67
C SER A 374 31.83 5.80 -20.81
N GLY A 375 32.69 5.51 -21.79
CA GLY A 375 33.81 6.40 -22.06
C GLY A 375 33.36 7.74 -22.60
N ARG A 376 32.28 7.74 -23.39
CA ARG A 376 31.68 9.00 -23.81
C ARG A 376 31.11 9.76 -22.61
N LEU A 377 30.51 9.04 -21.67
CA LEU A 377 30.01 9.66 -20.44
C LEU A 377 31.15 10.25 -19.60
N ARG A 378 32.29 9.55 -19.55
CA ARG A 378 33.46 10.09 -18.86
C ARG A 378 34.02 11.31 -19.59
N ALA A 379 34.03 11.29 -20.92
CA ALA A 379 34.60 12.40 -21.68
C ALA A 379 33.68 13.62 -21.70
N ILE A 380 32.39 13.44 -21.47
CA ILE A 380 31.45 14.55 -21.47
C ILE A 380 31.17 15.07 -20.07
N LEU A 381 31.03 14.17 -19.09
CA LEU A 381 30.70 14.58 -17.73
C LEU A 381 31.94 15.11 -17.00
N GLN A 382 32.97 14.27 -16.89
CA GLN A 382 34.04 14.47 -15.92
C GLN A 382 35.03 15.57 -16.29
N ASN A 383 34.90 16.18 -17.47
CA ASN A 383 35.86 17.19 -17.90
C ASN A 383 35.52 18.60 -17.40
N GLN A 384 34.49 18.75 -16.56
CA GLN A 384 34.13 20.07 -16.07
C GLN A 384 35.16 20.57 -15.07
N GLY A 385 35.73 21.74 -15.36
CA GLY A 385 36.82 22.27 -14.56
C GLY A 385 38.08 21.42 -14.62
N ASN A 386 38.34 20.82 -15.78
CA ASN A 386 39.45 19.87 -16.03
C ASN A 386 39.45 18.70 -15.04
N ARG B 6 15.86 -8.57 14.96
CA ARG B 6 15.12 -8.90 16.18
C ARG B 6 13.65 -9.17 15.88
N TRP B 7 12.88 -9.38 16.94
CA TRP B 7 11.49 -9.82 16.86
C TRP B 7 10.61 -9.01 17.80
N GLN B 8 10.69 -7.68 17.67
CA GLN B 8 10.00 -6.73 18.55
C GLN B 8 8.49 -6.97 18.59
N VAL B 9 7.96 -7.07 19.80
CA VAL B 9 6.67 -7.69 20.08
C VAL B 9 5.58 -6.63 20.20
N MET B 10 4.45 -6.90 19.55
CA MET B 10 3.27 -6.05 19.61
C MET B 10 2.04 -6.91 19.79
N ILE B 11 1.12 -6.48 20.64
CA ILE B 11 -0.16 -7.15 20.78
C ILE B 11 -1.11 -6.56 19.74
N VAL B 12 -2.08 -7.36 19.31
CA VAL B 12 -2.97 -6.98 18.22
C VAL B 12 -4.37 -7.47 18.57
N TRP B 13 -5.35 -6.57 18.51
CA TRP B 13 -6.75 -6.96 18.53
C TRP B 13 -7.21 -7.09 17.09
N GLN B 14 -7.61 -8.30 16.70
CA GLN B 14 -7.99 -8.58 15.32
C GLN B 14 -9.45 -8.22 15.10
N VAL B 15 -9.72 -7.48 14.02
CA VAL B 15 -11.04 -6.94 13.75
C VAL B 15 -11.19 -6.74 12.24
N ASP B 16 -12.42 -6.79 11.77
CA ASP B 16 -12.75 -6.73 10.36
C ASP B 16 -12.61 -5.29 9.85
N ARG B 17 -12.75 -5.14 8.52
CA ARG B 17 -12.59 -3.84 7.88
C ARG B 17 -13.75 -2.90 8.21
N MET B 18 -14.93 -3.44 8.50
CA MET B 18 -16.10 -2.59 8.73
C MET B 18 -15.97 -1.83 10.05
N ARG B 19 -15.62 -2.53 11.13
CA ARG B 19 -15.45 -1.86 12.42
C ARG B 19 -14.24 -0.93 12.44
N ILE B 20 -13.17 -1.32 11.74
CA ILE B 20 -12.01 -0.44 11.68
C ILE B 20 -12.31 0.80 10.84
N ASN B 21 -13.20 0.69 9.84
CA ASN B 21 -13.55 1.86 9.05
C ASN B 21 -14.51 2.77 9.79
N THR B 22 -15.40 2.20 10.62
CA THR B 22 -16.20 3.04 11.51
C THR B 22 -15.32 3.76 12.53
N TRP B 23 -14.27 3.08 13.02
CA TRP B 23 -13.33 3.72 13.95
C TRP B 23 -12.61 4.91 13.30
N LYS B 24 -12.11 4.72 12.08
CA LYS B 24 -11.47 5.81 11.34
C LYS B 24 -12.44 6.94 11.05
N ARG B 25 -13.68 6.61 10.65
CA ARG B 25 -14.68 7.62 10.33
C ARG B 25 -15.04 8.46 11.55
N LEU B 26 -15.23 7.80 12.71
CA LEU B 26 -15.58 8.53 13.92
C LEU B 26 -14.43 9.38 14.43
N VAL B 27 -13.19 8.88 14.34
CA VAL B 27 -12.08 9.66 14.88
C VAL B 27 -11.80 10.89 14.01
N LYS B 28 -11.85 10.76 12.67
CA LYS B 28 -11.64 11.94 11.85
C LYS B 28 -12.84 12.88 11.86
N HIS B 29 -14.06 12.36 12.06
CA HIS B 29 -15.21 13.22 12.24
C HIS B 29 -15.12 14.02 13.53
N HIS B 30 -14.52 13.43 14.57
CA HIS B 30 -14.38 14.15 15.82
C HIS B 30 -13.15 15.07 15.86
N MET B 31 -12.10 14.81 15.09
CA MET B 31 -11.08 15.86 15.01
C MET B 31 -11.52 17.01 14.12
N TYR B 32 -12.14 16.72 12.97
CA TYR B 32 -12.24 17.72 11.91
C TYR B 32 -13.62 18.38 11.81
N ILE B 33 -14.69 17.59 11.76
CA ILE B 33 -16.03 18.18 11.63
C ILE B 33 -16.44 18.86 12.93
N SER B 34 -16.22 18.21 14.06
CA SER B 34 -16.51 18.80 15.37
C SER B 34 -15.21 19.19 16.06
N ARG B 35 -15.36 19.94 17.16
CA ARG B 35 -14.23 20.46 17.91
C ARG B 35 -14.00 19.72 19.22
N LYS B 36 -14.52 18.49 19.34
CA LYS B 36 -14.30 17.71 20.56
C LYS B 36 -12.85 17.26 20.68
N ALA B 37 -12.22 16.96 19.56
CA ALA B 37 -10.88 16.36 19.53
C ALA B 37 -9.89 17.27 18.79
N LYS B 38 -9.90 18.57 19.11
CA LYS B 38 -9.05 19.52 18.42
C LYS B 38 -7.56 19.32 18.73
N ASP B 39 -7.22 18.67 19.83
CA ASP B 39 -5.83 18.45 20.18
C ASP B 39 -5.30 17.09 19.73
N TRP B 40 -6.16 16.21 19.21
CA TRP B 40 -5.74 14.88 18.81
C TRP B 40 -4.95 14.93 17.50
N PHE B 41 -4.02 13.99 17.36
CA PHE B 41 -3.24 13.82 16.14
C PHE B 41 -3.70 12.58 15.39
N TYR B 42 -3.61 12.65 14.06
CA TYR B 42 -3.88 11.50 13.20
C TYR B 42 -2.67 11.33 12.29
N ARG B 43 -1.66 10.60 12.75
CA ARG B 43 -0.49 10.32 11.92
C ARG B 43 -0.89 9.37 10.80
N HIS B 44 -0.61 9.77 9.57
CA HIS B 44 -1.14 9.09 8.39
C HIS B 44 -0.39 7.78 8.14
N HIS B 45 -0.83 7.07 7.10
CA HIS B 45 -0.22 5.80 6.76
C HIS B 45 1.18 5.97 6.19
N TYR B 46 1.42 7.07 5.47
CA TYR B 46 2.70 7.27 4.80
C TYR B 46 3.76 7.80 5.75
N GLU B 47 3.35 8.50 6.81
CA GLU B 47 4.31 8.95 7.82
C GLU B 47 4.83 7.79 8.66
N SER B 48 4.08 6.69 8.73
CA SER B 48 4.55 5.48 9.39
C SER B 48 5.45 4.71 8.44
N THR B 49 6.70 4.49 8.84
CA THR B 49 7.62 3.71 8.01
C THR B 49 7.36 2.22 8.12
N ASN B 50 6.55 1.79 9.08
CA ASN B 50 6.12 0.40 9.15
C ASN B 50 5.22 0.09 7.96
N PRO B 51 5.43 -1.01 7.23
CA PRO B 51 4.56 -1.32 6.08
C PRO B 51 3.18 -1.82 6.47
N LYS B 52 2.96 -2.17 7.74
CA LYS B 52 1.69 -2.72 8.19
C LYS B 52 0.98 -1.80 9.18
N ILE B 53 0.90 -0.51 8.87
CA ILE B 53 0.18 0.46 9.70
C ILE B 53 -0.79 1.23 8.82
N SER B 54 -2.08 1.15 9.13
CA SER B 54 -3.07 2.00 8.47
C SER B 54 -3.00 3.42 9.01
N SER B 55 -2.87 3.57 10.33
CA SER B 55 -2.97 4.89 10.94
C SER B 55 -2.33 4.86 12.32
N GLU B 56 -2.07 6.04 12.86
CA GLU B 56 -1.64 6.19 14.24
C GLU B 56 -2.46 7.31 14.86
N VAL B 57 -3.53 6.97 15.58
CA VAL B 57 -4.31 7.98 16.28
C VAL B 57 -3.58 8.30 17.58
N HIS B 58 -3.03 9.51 17.68
CA HIS B 58 -2.29 9.93 18.86
C HIS B 58 -3.20 10.81 19.71
N ILE B 59 -3.35 10.43 20.97
CA ILE B 59 -4.23 11.12 21.90
C ILE B 59 -3.37 11.71 23.01
N PRO B 60 -3.10 13.02 22.97
CA PRO B 60 -2.21 13.63 23.97
C PRO B 60 -2.83 13.75 25.34
N LEU B 61 -2.41 12.90 26.27
CA LEU B 61 -2.92 12.88 27.63
C LEU B 61 -1.90 13.60 28.51
N GLY B 62 -2.04 14.92 28.61
CA GLY B 62 -1.12 15.71 29.40
C GLY B 62 0.26 15.72 28.77
N ASP B 63 1.27 15.37 29.56
CA ASP B 63 2.62 15.19 29.04
C ASP B 63 2.80 13.83 28.37
N ALA B 64 1.87 12.90 28.55
CA ALA B 64 1.93 11.60 27.92
C ALA B 64 1.10 11.59 26.65
N LYS B 65 1.09 10.46 25.95
CA LYS B 65 0.35 10.37 24.71
C LYS B 65 -0.03 8.91 24.47
N LEU B 66 -1.33 8.64 24.47
CA LEU B 66 -1.83 7.35 24.05
C LEU B 66 -1.65 7.21 22.54
N VAL B 67 -1.30 6.02 22.08
CA VAL B 67 -1.13 5.73 20.67
C VAL B 67 -2.06 4.58 20.32
N ILE B 68 -2.91 4.77 19.32
CA ILE B 68 -3.75 3.70 18.80
C ILE B 68 -3.29 3.46 17.38
N THR B 69 -2.41 2.46 17.20
CA THR B 69 -1.92 2.10 15.89
C THR B 69 -2.89 1.12 15.25
N THR B 70 -3.16 1.33 13.97
CA THR B 70 -4.13 0.56 13.21
C THR B 70 -3.40 -0.02 12.01
N TYR B 71 -3.58 -1.33 11.77
CA TYR B 71 -2.66 -2.16 11.00
C TYR B 71 -3.27 -2.60 9.67
N TRP B 72 -2.51 -3.43 8.94
CA TRP B 72 -2.83 -3.83 7.58
C TRP B 72 -2.46 -5.29 7.34
N GLY B 73 -3.31 -5.98 6.59
CA GLY B 73 -2.97 -7.25 5.94
C GLY B 73 -2.53 -8.36 6.87
N LEU B 74 -3.19 -8.51 8.01
CA LEU B 74 -2.74 -9.45 9.01
C LEU B 74 -3.40 -10.81 8.85
N GLY B 84 -7.99 -10.30 9.25
CA GLY B 84 -8.30 -8.94 8.87
C GLY B 84 -7.27 -7.93 9.33
N GLN B 85 -7.75 -6.85 9.94
CA GLN B 85 -6.87 -5.79 10.42
C GLN B 85 -6.67 -5.90 11.92
N GLY B 86 -5.77 -5.09 12.44
CA GLY B 86 -5.36 -5.19 13.83
C GLY B 86 -5.20 -3.84 14.48
N VAL B 87 -5.43 -3.82 15.80
CA VAL B 87 -5.29 -2.62 16.61
C VAL B 87 -4.21 -2.87 17.64
N SER B 88 -3.54 -1.79 18.07
CA SER B 88 -2.60 -1.88 19.17
C SER B 88 -2.55 -0.55 19.92
N ILE B 89 -2.73 -0.60 21.23
CA ILE B 89 -2.77 0.60 22.06
C ILE B 89 -1.48 0.65 22.88
N GLU B 90 -0.79 1.78 22.81
CA GLU B 90 0.43 2.08 23.56
C GLU B 90 0.15 3.18 24.57
N TRP B 91 1.22 3.60 25.26
CA TRP B 91 1.18 4.78 26.12
C TRP B 91 2.62 5.28 26.20
N ARG B 92 2.92 6.37 25.50
CA ARG B 92 4.28 6.86 25.33
C ARG B 92 4.47 8.19 26.04
N LYS B 93 5.54 8.28 26.84
CA LYS B 93 5.94 9.53 27.49
C LYS B 93 7.44 9.42 27.71
N LYS B 94 8.21 10.17 26.91
CA LYS B 94 9.68 10.19 26.92
C LYS B 94 10.25 8.79 26.72
N ARG B 95 9.99 8.28 25.51
CA ARG B 95 10.49 7.01 24.95
C ARG B 95 10.11 5.77 25.77
N TYR B 96 9.12 5.88 26.67
CA TYR B 96 8.68 4.77 27.50
C TYR B 96 7.33 4.28 26.99
N SER B 97 7.29 3.06 26.46
CA SER B 97 6.07 2.45 25.93
C SER B 97 5.40 1.59 26.98
N THR B 98 4.09 1.39 26.79
CA THR B 98 3.28 0.56 27.69
C THR B 98 2.03 0.12 26.93
N GLN B 99 1.86 -1.18 26.74
CA GLN B 99 0.64 -1.69 26.11
C GLN B 99 -0.53 -1.57 27.08
N VAL B 100 -1.70 -1.23 26.53
CA VAL B 100 -2.87 -0.89 27.33
C VAL B 100 -4.07 -1.64 26.77
N ASP B 101 -4.79 -2.37 27.64
CA ASP B 101 -5.99 -3.10 27.23
C ASP B 101 -7.12 -2.09 26.94
N PRO B 102 -8.12 -2.47 26.13
CA PRO B 102 -9.16 -1.49 25.72
C PRO B 102 -9.99 -0.90 26.84
N ASP B 103 -10.16 -1.59 27.96
CA ASP B 103 -10.88 -1.01 29.08
C ASP B 103 -10.12 0.16 29.71
N LEU B 104 -8.81 0.00 29.89
CA LEU B 104 -8.00 1.09 30.44
C LEU B 104 -7.86 2.23 29.45
N ALA B 105 -7.79 1.93 28.15
CA ALA B 105 -7.73 3.00 27.14
C ALA B 105 -9.04 3.77 27.09
N ASP B 106 -10.17 3.06 27.21
CA ASP B 106 -11.47 3.72 27.31
C ASP B 106 -11.57 4.60 28.54
N GLN B 107 -11.07 4.09 29.67
CA GLN B 107 -11.09 4.86 30.92
C GLN B 107 -10.23 6.11 30.82
N LEU B 108 -9.02 5.99 30.24
CA LEU B 108 -8.16 7.15 30.11
C LEU B 108 -8.73 8.18 29.13
N ILE B 109 -9.34 7.72 28.03
CA ILE B 109 -9.94 8.64 27.05
C ILE B 109 -11.11 9.39 27.68
N HIS B 110 -12.02 8.66 28.34
CA HIS B 110 -13.23 9.30 28.85
C HIS B 110 -12.96 10.14 30.10
N LEU B 111 -11.93 9.79 30.88
CA LEU B 111 -11.63 10.54 32.09
C LEU B 111 -10.44 11.49 31.93
N HIS B 112 -9.96 11.70 30.70
CA HIS B 112 -9.06 12.81 30.43
C HIS B 112 -9.61 13.78 29.41
N TYR B 113 -10.41 13.34 28.44
CA TYR B 113 -10.78 14.20 27.32
C TYR B 113 -12.27 14.55 27.28
N PHE B 114 -13.14 13.55 27.23
CA PHE B 114 -14.52 13.76 26.86
C PHE B 114 -15.43 13.78 28.08
N ASP B 115 -16.74 13.87 27.82
CA ASP B 115 -17.76 13.95 28.85
C ASP B 115 -18.67 12.72 28.80
N CYS B 116 -19.63 12.68 29.71
CA CYS B 116 -20.56 11.56 29.79
C CYS B 116 -21.96 11.97 29.39
N LYS B 159 -27.32 6.40 26.22
CA LYS B 159 -27.25 7.57 25.37
C LYS B 159 -26.52 7.26 24.07
N GLN B 160 -27.24 7.34 22.95
CA GLN B 160 -26.68 7.08 21.63
C GLN B 160 -26.83 8.32 20.75
N ILE B 161 -25.72 8.75 20.14
CA ILE B 161 -25.70 9.87 19.22
C ILE B 161 -25.41 9.29 17.84
N LYS B 162 -25.79 10.02 16.79
CA LYS B 162 -25.54 9.58 15.42
C LYS B 162 -24.07 9.36 15.10
N PRO B 163 -23.11 10.19 15.52
CA PRO B 163 -21.75 9.67 15.70
C PRO B 163 -21.56 9.17 17.13
N PRO B 164 -21.35 7.86 17.32
CA PRO B 164 -20.92 7.39 18.64
C PRO B 164 -19.50 7.84 18.93
N LEU B 165 -19.23 8.08 20.21
CA LEU B 165 -17.92 8.58 20.62
C LEU B 165 -16.87 7.49 20.41
N PRO B 166 -15.60 7.86 20.14
CA PRO B 166 -14.58 6.83 19.85
C PRO B 166 -14.20 6.01 21.06
N SER B 167 -14.69 4.76 21.08
CA SER B 167 -14.44 3.82 22.17
C SER B 167 -13.76 2.59 21.60
N VAL B 168 -12.63 2.21 22.19
CA VAL B 168 -11.85 1.09 21.66
C VAL B 168 -12.45 -0.27 21.99
N ARG B 169 -13.42 -0.34 22.91
CA ARG B 169 -14.12 -1.61 23.12
C ARG B 169 -15.26 -1.79 22.14
N LYS B 170 -15.85 -0.69 21.65
CA LYS B 170 -16.76 -0.80 20.51
C LYS B 170 -16.00 -1.16 19.25
N LEU B 171 -14.73 -0.74 19.15
CA LEU B 171 -13.87 -1.22 18.08
C LEU B 171 -13.64 -2.72 18.21
N THR B 172 -13.22 -3.18 19.39
CA THR B 172 -12.95 -4.60 19.64
C THR B 172 -14.22 -5.28 20.14
N GLU B 173 -15.22 -5.31 19.25
CA GLU B 173 -16.51 -5.88 19.59
C GLU B 173 -16.42 -7.40 19.68
N ASP B 174 -15.81 -8.04 18.69
CA ASP B 174 -15.59 -9.49 18.59
C ASP B 174 -16.85 -10.33 18.76
N VAL C 5 7.40 -3.71 43.05
CA VAL C 5 7.34 -5.18 42.99
C VAL C 5 6.25 -5.81 43.90
N PRO C 6 6.14 -5.47 45.23
CA PRO C 6 5.08 -6.10 46.04
C PRO C 6 3.67 -5.68 45.63
N ASP C 7 3.43 -4.37 45.53
CA ASP C 7 2.15 -3.89 45.04
C ASP C 7 1.96 -4.21 43.56
N GLN C 8 3.06 -4.28 42.82
CA GLN C 8 3.03 -4.73 41.43
C GLN C 8 2.59 -6.18 41.36
N ARG C 9 3.04 -7.02 42.30
CA ARG C 9 2.59 -8.41 42.33
C ARG C 9 1.16 -8.53 42.84
N SER C 10 0.73 -7.60 43.71
CA SER C 10 -0.64 -7.64 44.20
C SER C 10 -1.64 -7.26 43.10
N LYS C 11 -1.33 -6.22 42.32
CA LYS C 11 -2.17 -5.88 41.17
C LYS C 11 -2.00 -6.89 40.04
N PHE C 12 -0.84 -7.57 40.00
CA PHE C 12 -0.59 -8.66 39.06
C PHE C 12 -1.51 -9.85 39.33
N GLU C 13 -1.97 -10.01 40.57
CA GLU C 13 -3.01 -10.98 40.90
C GLU C 13 -4.40 -10.36 40.92
N ASN C 14 -4.55 -9.13 40.42
CA ASN C 14 -5.83 -8.44 40.47
C ASN C 14 -6.41 -8.12 39.10
N GLU C 15 -5.62 -8.20 38.02
CA GLU C 15 -6.12 -7.81 36.70
C GLU C 15 -7.07 -8.86 36.14
N GLU C 16 -8.16 -8.38 35.53
CA GLU C 16 -9.17 -9.28 34.99
C GLU C 16 -8.73 -9.92 33.68
N PHE C 17 -7.99 -9.18 32.85
CA PHE C 17 -7.50 -9.73 31.59
C PHE C 17 -6.37 -10.72 31.81
N PHE C 18 -5.69 -10.64 32.95
CA PHE C 18 -4.54 -11.50 33.21
C PHE C 18 -4.98 -12.93 33.49
N ARG C 19 -6.22 -13.12 33.99
CA ARG C 19 -6.76 -14.46 34.15
C ARG C 19 -6.84 -15.19 32.82
N LYS C 20 -7.27 -14.50 31.77
CA LYS C 20 -7.26 -15.12 30.45
C LYS C 20 -5.86 -15.18 29.86
N LEU C 21 -5.01 -14.17 30.13
CA LEU C 21 -3.75 -14.10 29.41
C LEU C 21 -2.72 -15.10 29.93
N SER C 22 -2.78 -15.45 31.21
CA SER C 22 -1.79 -16.35 31.81
C SER C 22 -2.41 -17.64 32.34
N ARG C 23 -3.34 -18.23 31.59
CA ARG C 23 -3.95 -19.49 31.97
C ARG C 23 -3.40 -20.67 31.16
N GLU C 24 -2.20 -20.51 30.59
CA GLU C 24 -1.56 -21.46 29.68
C GLU C 24 -2.47 -21.78 28.48
N CYS C 25 -2.70 -20.75 27.67
CA CYS C 25 -3.63 -20.83 26.55
C CYS C 25 -3.11 -21.73 25.45
N GLU C 26 -4.06 -22.18 24.62
CA GLU C 26 -3.75 -22.90 23.39
C GLU C 26 -3.54 -21.87 22.30
N ILE C 27 -2.29 -21.60 21.98
CA ILE C 27 -1.95 -20.63 20.94
C ILE C 27 -1.86 -21.35 19.61
N LYS C 28 -2.37 -20.69 18.58
CA LYS C 28 -2.32 -21.23 17.22
C LYS C 28 -1.81 -20.15 16.27
N TYR C 29 -1.31 -20.60 15.14
CA TYR C 29 -0.79 -19.72 14.09
C TYR C 29 -1.87 -19.56 13.03
N THR C 30 -2.31 -18.32 12.81
CA THR C 30 -3.31 -18.01 11.79
C THR C 30 -2.59 -17.23 10.70
N GLY C 31 -2.04 -17.96 9.74
CA GLY C 31 -1.31 -17.32 8.66
C GLY C 31 -2.00 -17.52 7.33
N PHE C 32 -1.48 -18.45 6.55
CA PHE C 32 -1.99 -18.70 5.21
C PHE C 32 -2.83 -19.97 5.26
N ARG C 33 -4.10 -19.80 5.67
CA ARG C 33 -4.94 -20.94 6.03
C ARG C 33 -5.46 -21.71 4.81
N ASP C 34 -5.79 -20.98 3.74
CA ASP C 34 -6.43 -21.64 2.56
C ASP C 34 -5.39 -22.45 1.78
N ARG C 35 -4.11 -22.28 2.12
CA ARG C 35 -3.02 -22.99 1.39
C ARG C 35 -2.85 -24.39 2.00
N PRO C 36 -1.94 -25.25 1.49
CA PRO C 36 -1.64 -26.53 2.13
C PRO C 36 -1.07 -26.34 3.53
N HIS C 37 -1.12 -27.39 4.35
CA HIS C 37 -0.60 -27.33 5.70
C HIS C 37 0.92 -27.47 5.72
N GLU C 38 1.43 -28.50 5.06
CA GLU C 38 2.86 -28.75 5.00
C GLU C 38 3.61 -27.49 4.61
N GLU C 39 3.06 -26.70 3.68
CA GLU C 39 3.72 -25.47 3.27
C GLU C 39 3.54 -24.39 4.34
N ARG C 40 2.47 -24.46 5.13
CA ARG C 40 2.36 -23.62 6.32
C ARG C 40 3.47 -23.92 7.33
N GLN C 41 3.76 -25.21 7.55
CA GLN C 41 4.87 -25.57 8.43
C GLN C 41 6.21 -25.12 7.86
N ALA C 42 6.39 -25.30 6.54
CA ALA C 42 7.63 -24.87 5.88
C ALA C 42 7.80 -23.36 5.95
N ARG C 43 6.71 -22.60 5.73
CA ARG C 43 6.75 -21.16 5.83
C ARG C 43 6.97 -20.68 7.26
N PHE C 44 6.50 -21.45 8.25
CA PHE C 44 6.81 -21.16 9.64
C PHE C 44 8.31 -21.32 9.86
N GLN C 45 8.92 -22.35 9.27
CA GLN C 45 10.36 -22.53 9.37
C GLN C 45 11.16 -21.41 8.67
N ASN C 46 10.71 -20.98 7.48
CA ASN C 46 11.39 -19.87 6.81
C ASN C 46 11.24 -18.58 7.61
N ALA C 47 10.03 -18.29 8.10
CA ALA C 47 9.77 -17.06 8.83
C ALA C 47 10.52 -17.02 10.16
N CYS C 48 10.63 -18.16 10.84
CA CYS C 48 11.43 -18.22 12.05
C CYS C 48 12.93 -18.25 11.75
N ARG C 49 13.33 -18.53 10.50
CA ARG C 49 14.74 -18.44 10.16
C ARG C 49 15.11 -17.16 9.41
N ASP C 50 14.17 -16.44 8.81
CA ASP C 50 14.54 -15.22 8.10
C ASP C 50 14.61 -14.05 9.07
N GLY C 51 14.71 -12.83 8.53
CA GLY C 51 14.77 -11.64 9.34
C GLY C 51 13.71 -10.61 9.00
N ARG C 52 12.97 -10.83 7.91
CA ARG C 52 11.94 -9.89 7.46
C ARG C 52 10.64 -10.66 7.23
N SER C 53 9.88 -10.86 8.30
CA SER C 53 8.54 -11.44 8.29
C SER C 53 7.94 -11.19 9.66
N GLU C 54 6.61 -11.36 9.74
CA GLU C 54 5.92 -11.27 11.02
C GLU C 54 5.27 -12.61 11.33
N ILE C 55 5.11 -12.89 12.62
CA ILE C 55 4.47 -14.11 13.07
C ILE C 55 3.43 -13.75 14.12
N ALA C 56 2.24 -14.36 14.00
CA ALA C 56 1.07 -14.03 14.80
C ALA C 56 0.61 -15.26 15.57
N PHE C 57 0.34 -15.09 16.85
CA PHE C 57 -0.10 -16.16 17.74
C PHE C 57 -1.42 -15.76 18.37
N VAL C 58 -2.46 -16.56 18.13
CA VAL C 58 -3.84 -16.24 18.50
C VAL C 58 -4.29 -17.23 19.57
N ALA C 59 -4.94 -16.71 20.61
CA ALA C 59 -5.52 -17.55 21.65
C ALA C 59 -6.86 -18.12 21.18
N THR C 60 -7.51 -18.89 22.06
CA THR C 60 -8.74 -19.58 21.69
C THR C 60 -9.94 -18.65 21.58
N GLY C 61 -9.86 -17.45 22.14
CA GLY C 61 -10.96 -16.52 22.15
C GLY C 61 -11.10 -15.66 20.91
N THR C 62 -10.27 -15.92 19.88
CA THR C 62 -10.13 -15.22 18.58
C THR C 62 -10.25 -13.69 18.67
N ASN C 63 -9.67 -13.11 19.71
CA ASN C 63 -9.66 -11.66 19.88
C ASN C 63 -8.27 -11.09 20.09
N LEU C 64 -7.40 -11.81 20.79
CA LEU C 64 -6.06 -11.33 21.10
C LEU C 64 -5.06 -12.11 20.25
N SER C 65 -4.06 -11.40 19.73
CA SER C 65 -3.03 -12.01 18.91
C SER C 65 -1.72 -11.28 19.14
N LEU C 66 -0.72 -11.97 19.67
CA LEU C 66 0.61 -11.40 19.76
C LEU C 66 1.27 -11.46 18.38
N GLN C 67 1.88 -10.36 17.97
CA GLN C 67 2.56 -10.28 16.68
C GLN C 67 3.99 -9.83 16.89
N PHE C 68 4.92 -10.52 16.25
CA PHE C 68 6.34 -10.17 16.36
C PHE C 68 6.74 -9.37 15.13
N PHE C 69 7.39 -8.24 15.36
CA PHE C 69 7.82 -7.41 14.24
C PHE C 69 9.34 -7.33 14.19
N PRO C 70 9.93 -7.33 12.98
CA PRO C 70 11.37 -7.04 12.88
C PRO C 70 11.66 -5.61 13.30
N ALA C 71 12.81 -5.42 13.94
CA ALA C 71 13.15 -4.12 14.52
C ALA C 71 13.47 -3.07 13.46
N SER C 72 13.81 -3.50 12.23
CA SER C 72 14.10 -2.55 11.17
C SER C 72 12.85 -1.92 10.57
N TRP C 73 11.67 -2.53 10.78
CA TRP C 73 10.42 -1.98 10.24
C TRP C 73 10.08 -0.63 10.87
N GLN C 74 10.18 -0.54 12.20
CA GLN C 74 9.99 0.73 12.87
C GLN C 74 11.19 1.65 12.66
N GLY C 75 12.36 1.08 12.39
CA GLY C 75 13.57 1.87 12.26
C GLY C 75 14.15 2.35 13.57
N GLU C 76 13.96 1.57 14.63
CA GLU C 76 14.47 1.91 15.96
C GLU C 76 15.20 0.68 16.50
N GLN C 77 16.50 0.81 16.72
CA GLN C 77 17.32 -0.26 17.31
C GLN C 77 17.50 0.07 18.79
N ARG C 78 16.57 -0.44 19.60
CA ARG C 78 16.64 -0.23 21.05
C ARG C 78 17.36 -1.41 21.69
N GLN C 79 18.36 -1.11 22.52
CA GLN C 79 19.24 -2.14 23.05
C GLN C 79 18.58 -2.93 24.19
N THR C 80 17.75 -2.26 25.01
CA THR C 80 17.24 -2.92 26.21
C THR C 80 16.14 -3.95 25.92
N PRO C 81 15.15 -3.71 25.02
CA PRO C 81 14.38 -4.90 24.59
C PRO C 81 15.14 -5.73 23.55
N SER C 82 16.04 -6.58 24.05
CA SER C 82 16.72 -7.55 23.23
C SER C 82 16.47 -8.98 23.65
N ARG C 83 15.76 -9.20 24.78
CA ARG C 83 15.50 -10.54 25.28
C ARG C 83 14.45 -11.29 24.48
N GLU C 84 13.72 -10.63 23.59
CA GLU C 84 12.77 -11.34 22.73
C GLU C 84 13.53 -12.22 21.74
N TYR C 85 13.07 -13.46 21.60
CA TYR C 85 13.83 -14.47 20.86
C TYR C 85 12.86 -15.53 20.35
N VAL C 86 13.30 -16.19 19.29
CA VAL C 86 12.64 -17.36 18.70
C VAL C 86 13.67 -18.49 18.69
N ASP C 87 13.54 -19.41 19.64
CA ASP C 87 14.55 -20.43 19.88
C ASP C 87 14.16 -21.74 19.21
N LEU C 88 15.11 -22.34 18.49
CA LEU C 88 14.91 -23.62 17.83
C LEU C 88 16.02 -24.59 18.22
N GLU C 89 17.20 -24.04 18.50
CA GLU C 89 18.36 -24.86 18.89
C GLU C 89 18.32 -25.28 20.35
N ARG C 90 17.39 -24.73 21.14
CA ARG C 90 17.29 -25.10 22.55
C ARG C 90 16.77 -26.53 22.71
N GLU C 91 15.71 -26.87 21.99
CA GLU C 91 15.17 -28.22 22.02
C GLU C 91 14.76 -28.63 20.61
N ALA C 92 14.85 -29.94 20.35
CA ALA C 92 14.57 -30.46 19.02
C ALA C 92 13.07 -30.70 18.85
N GLY C 93 12.56 -30.28 17.69
CA GLY C 93 11.17 -30.53 17.37
C GLY C 93 10.17 -29.68 18.12
N LYS C 94 10.56 -28.48 18.55
CA LYS C 94 9.68 -27.57 19.28
C LYS C 94 10.26 -26.17 19.24
N VAL C 95 9.47 -25.16 18.89
CA VAL C 95 9.97 -23.79 18.77
C VAL C 95 9.44 -22.95 19.95
N TYR C 96 10.37 -22.26 20.62
CA TYR C 96 10.05 -21.47 21.80
C TYR C 96 10.04 -19.99 21.46
N LEU C 97 9.06 -19.27 22.00
CA LEU C 97 8.89 -17.83 21.77
C LEU C 97 8.99 -17.11 23.11
N LYS C 98 9.88 -16.11 23.18
CA LYS C 98 10.06 -15.33 24.40
C LYS C 98 9.98 -13.85 24.06
N ALA C 99 9.14 -13.11 24.81
CA ALA C 99 8.95 -11.70 24.50
C ALA C 99 8.65 -10.87 25.74
N PRO C 100 9.55 -9.97 26.16
CA PRO C 100 9.27 -9.12 27.32
C PRO C 100 8.44 -7.89 26.95
N MET C 101 7.22 -7.82 27.47
CA MET C 101 6.28 -6.76 27.12
C MET C 101 5.81 -6.03 28.37
N ILE C 102 5.65 -4.72 28.26
CA ILE C 102 5.21 -3.86 29.34
C ILE C 102 3.70 -3.72 29.21
N LEU C 103 2.96 -4.58 29.92
CA LEU C 103 1.51 -4.57 29.88
C LEU C 103 0.97 -3.86 31.12
N ASN C 104 0.25 -2.76 30.88
CA ASN C 104 -0.40 -1.91 31.89
C ASN C 104 0.64 -1.47 32.92
N GLY C 105 0.40 -1.69 34.21
CA GLY C 105 1.40 -1.29 35.17
C GLY C 105 2.57 -2.24 35.36
N VAL C 106 2.62 -3.39 34.69
CA VAL C 106 3.63 -4.40 35.00
C VAL C 106 4.42 -4.77 33.75
N CYS C 107 5.61 -5.31 33.98
CA CYS C 107 6.47 -5.79 32.90
C CYS C 107 6.53 -7.32 32.97
N VAL C 108 5.95 -7.98 31.98
CA VAL C 108 5.77 -9.43 32.01
C VAL C 108 6.43 -10.02 30.78
N ILE C 109 7.10 -11.16 30.95
CA ILE C 109 7.70 -11.88 29.84
C ILE C 109 6.73 -12.95 29.38
N TRP C 110 6.34 -12.90 28.11
CA TRP C 110 5.51 -13.93 27.51
C TRP C 110 6.41 -15.08 27.06
N LYS C 111 6.04 -16.31 27.46
CA LYS C 111 6.78 -17.49 27.07
C LYS C 111 5.80 -18.52 26.51
N GLY C 112 6.14 -19.06 25.34
CA GLY C 112 5.30 -20.09 24.74
C GLY C 112 6.13 -21.10 23.98
N TRP C 113 5.54 -22.27 23.80
CA TRP C 113 6.11 -23.28 22.92
C TRP C 113 5.07 -23.67 21.88
N ILE C 114 5.54 -23.98 20.68
CA ILE C 114 4.65 -24.38 19.59
C ILE C 114 5.29 -25.44 18.71
N ASP C 115 4.59 -26.56 18.52
CA ASP C 115 5.09 -27.65 17.70
C ASP C 115 5.19 -27.23 16.24
N LEU C 116 6.15 -27.81 15.53
CA LEU C 116 6.35 -27.51 14.12
C LEU C 116 5.42 -28.32 13.23
N GLN C 117 4.82 -29.36 13.81
CA GLN C 117 3.90 -30.22 13.07
C GLN C 117 2.46 -29.99 13.51
N ARG C 118 2.28 -29.60 14.77
CA ARG C 118 0.92 -29.28 15.25
C ARG C 118 0.62 -27.82 14.94
N LEU C 119 1.68 -27.00 14.78
CA LEU C 119 1.50 -25.54 14.54
C LEU C 119 0.77 -24.90 15.71
N ASP C 120 0.28 -25.72 16.66
CA ASP C 120 -0.39 -25.20 17.87
C ASP C 120 0.54 -25.41 19.05
N GLY C 121 0.18 -24.90 20.23
CA GLY C 121 1.06 -25.01 21.38
C GLY C 121 0.49 -24.30 22.59
N MET C 122 1.36 -24.12 23.59
CA MET C 122 0.99 -23.59 24.90
C MET C 122 1.65 -22.23 25.10
N GLY C 123 0.90 -21.29 25.65
CA GLY C 123 1.45 -19.99 25.99
C GLY C 123 1.10 -19.57 27.40
N CYS C 124 2.00 -18.78 28.00
CA CYS C 124 1.77 -18.28 29.34
C CYS C 124 2.62 -17.03 29.57
N LEU C 125 2.49 -16.46 30.76
CA LEU C 125 3.12 -15.20 31.14
C LEU C 125 3.94 -15.44 32.39
N GLU C 126 4.96 -14.62 32.62
CA GLU C 126 5.79 -14.76 33.81
C GLU C 126 6.36 -13.40 34.22
N PHE C 127 6.17 -13.03 35.49
CA PHE C 127 6.83 -11.84 36.01
C PHE C 127 8.34 -12.00 36.04
N ASP C 128 9.04 -10.97 35.60
CA ASP C 128 10.49 -10.85 35.78
C ASP C 128 10.75 -9.55 36.51
N GLU C 129 11.48 -9.63 37.62
CA GLU C 129 11.68 -8.48 38.49
C GLU C 129 12.85 -7.60 38.08
N GLU C 130 13.54 -7.94 36.98
CA GLU C 130 14.63 -7.08 36.54
C GLU C 130 14.11 -5.80 35.87
N ARG C 131 13.03 -5.91 35.09
CA ARG C 131 12.54 -4.75 34.33
C ARG C 131 11.81 -3.73 35.20
N ALA C 132 11.57 -4.05 36.48
CA ALA C 132 10.95 -3.08 37.38
C ALA C 132 11.85 -1.86 37.61
N GLN C 133 13.16 -2.09 37.74
CA GLN C 133 14.10 -1.00 38.00
C GLN C 133 15.01 -0.67 36.82
N GLN C 134 15.04 -1.49 35.77
CA GLN C 134 15.83 -1.14 34.59
C GLN C 134 15.20 -0.03 33.77
N GLU C 135 13.92 0.25 33.96
CA GLU C 135 13.28 1.38 33.30
C GLU C 135 13.72 2.66 34.00
N ASP C 136 14.53 3.46 33.31
CA ASP C 136 15.12 4.65 33.93
C ASP C 136 14.08 5.73 34.21
N ALA C 137 13.15 5.93 33.27
CA ALA C 137 12.11 6.93 33.46
C ALA C 137 11.15 6.51 34.56
N LEU C 138 10.60 5.29 34.44
CA LEU C 138 9.68 4.68 35.41
C LEU C 138 8.46 5.56 35.69
N ALA C 139 7.65 5.75 34.65
CA ALA C 139 6.42 6.51 34.75
C ALA C 139 5.22 5.66 35.18
N GLN C 140 5.48 4.55 35.88
CA GLN C 140 4.40 3.69 36.36
C GLN C 140 3.58 4.38 37.44
N GLN C 141 4.20 5.29 38.20
CA GLN C 141 3.46 6.07 39.19
C GLN C 141 2.51 7.05 38.50
N ALA C 142 2.97 7.69 37.42
CA ALA C 142 2.12 8.58 36.64
C ALA C 142 0.99 7.79 35.96
N PHE C 143 1.30 6.61 35.45
CA PHE C 143 0.33 5.69 34.87
C PHE C 143 -0.72 5.27 35.90
N GLU C 144 -0.24 5.01 37.12
CA GLU C 144 -1.09 4.67 38.26
C GLU C 144 -2.05 5.81 38.60
N GLU C 145 -1.52 7.03 38.66
CA GLU C 145 -2.34 8.22 38.96
C GLU C 145 -3.35 8.48 37.85
N ALA C 146 -2.96 8.23 36.59
CA ALA C 146 -3.89 8.42 35.48
C ALA C 146 -4.98 7.37 35.47
N ARG C 147 -4.64 6.12 35.78
CA ARG C 147 -5.60 5.04 35.69
C ARG C 147 -6.54 4.94 36.90
N ARG C 148 -6.21 5.57 38.03
CA ARG C 148 -7.14 5.45 39.15
C ARG C 148 -8.18 6.55 39.24
N ARG C 149 -7.93 7.73 38.67
CA ARG C 149 -8.86 8.83 38.84
C ARG C 149 -10.13 8.61 38.00
N THR C 150 -11.21 9.26 38.43
CA THR C 150 -12.52 9.06 37.81
C THR C 150 -13.35 10.33 37.99
N ARG C 151 -13.87 10.85 36.89
CA ARG C 151 -14.72 12.05 36.89
C ARG C 151 -16.02 11.84 37.65
ZN ZN F . -17.40 -2.11 -4.69
ZN ZN G . 12.88 15.22 -23.58
#